data_7JM1
#
_entry.id   7JM1
#
_cell.length_a   68.207
_cell.length_b   77.233
_cell.length_c   97.436
_cell.angle_alpha   90.000
_cell.angle_beta   102.523
_cell.angle_gamma   90.000
#
_symmetry.space_group_name_H-M   'P 1 21 1'
#
loop_
_entity.id
_entity.type
_entity.pdbx_description
1 polymer 'Aminocyclitol acetyltransferase ApmA'
2 non-polymer 'ACETYL COENZYME *A'
3 water water
#
_entity_poly.entity_id   1
_entity_poly.type   'polypeptide(L)'
_entity_poly.pdbx_seq_one_letter_code
;(MSE)KTRLEQVLERYLNGREVAVWGVPTRRLLRALKPFKFHTADRVDPQYHYVVAVTDDDLTDFLSDEQSKSFQYANDY
LTFDDEGGELPFER(MSE)CFNVPVGRQTYFGDGVVGACENGYIKSIGQFTSINGTAEIHANHQLN(MSE)TFVSDDIQN
FFNEES(MSE)AVFQEKLRKDPKHPYAYSKEP(MSE)TIGSDVYIGAHAFINASTVTSIGDGAIIGSGAVVLENVPPFAV
VVGVPARIKRYRFSKE(MSE)IETLLRVKWWDWSIEEINENVDALISPELF(MSE)KKYGSL
;
_entity_poly.pdbx_strand_id   A,B,C
#
loop_
_chem_comp.id
_chem_comp.type
_chem_comp.name
_chem_comp.formula
ACO non-polymer 'ACETYL COENZYME *A' 'C23 H38 N7 O17 P3 S'
#
# COMPACT_ATOMS: atom_id res chain seq x y z
N MSE A 1 -26.26 10.47 4.34
CA MSE A 1 -24.80 10.38 4.33
C MSE A 1 -24.17 11.69 3.91
O MSE A 1 -24.74 12.43 3.10
CB MSE A 1 -24.33 9.28 3.39
CG MSE A 1 -24.56 7.88 3.92
SE MSE A 1 -23.61 6.53 2.91
CE MSE A 1 -24.40 6.84 1.16
N LYS A 2 -23.00 11.99 4.48
CA LYS A 2 -22.25 13.20 4.18
C LYS A 2 -20.77 12.92 4.41
N THR A 3 -19.93 13.50 3.55
CA THR A 3 -18.50 13.25 3.67
C THR A 3 -17.95 13.90 4.93
N ARG A 4 -16.72 13.48 5.29
CA ARG A 4 -16.06 14.02 6.47
C ARG A 4 -15.91 15.53 6.38
N LEU A 5 -15.51 16.03 5.20
CA LEU A 5 -15.27 17.46 5.04
C LEU A 5 -16.56 18.25 5.23
N GLU A 6 -17.67 17.74 4.69
CA GLU A 6 -18.94 18.45 4.82
C GLU A 6 -19.37 18.57 6.27
N GLN A 7 -19.18 17.50 7.06
CA GLN A 7 -19.51 17.56 8.48
C GLN A 7 -18.67 18.61 9.20
N VAL A 8 -17.39 18.72 8.84
CA VAL A 8 -16.51 19.69 9.47
C VAL A 8 -16.91 21.11 9.06
N LEU A 9 -17.13 21.33 7.76
CA LEU A 9 -17.48 22.67 7.29
C LEU A 9 -18.78 23.15 7.90
N GLU A 10 -19.78 22.26 7.98
CA GLU A 10 -21.05 22.62 8.60
C GLU A 10 -20.87 23.10 10.03
N ARG A 11 -19.80 22.65 10.68
CA ARG A 11 -19.57 22.91 12.09
C ARG A 11 -18.63 24.09 12.33
N TYR A 12 -17.58 24.25 11.50
CA TYR A 12 -16.51 25.17 11.80
C TYR A 12 -16.29 26.26 10.75
N LEU A 13 -16.91 26.18 9.58
CA LEU A 13 -16.62 27.15 8.52
C LEU A 13 -16.96 28.57 8.97
N ASN A 14 -18.14 28.74 9.58
CA ASN A 14 -18.51 30.00 10.24
C ASN A 14 -18.50 31.18 9.27
N GLY A 15 -19.00 30.96 8.06
CA GLY A 15 -19.11 32.02 7.07
C GLY A 15 -17.83 32.39 6.37
N ARG A 16 -16.73 31.68 6.63
CA ARG A 16 -15.49 31.97 5.95
C ARG A 16 -15.48 31.40 4.54
N GLU A 17 -14.50 31.82 3.76
CA GLU A 17 -14.24 31.24 2.44
C GLU A 17 -13.38 29.99 2.58
N VAL A 18 -13.68 28.98 1.79
CA VAL A 18 -12.81 27.81 1.70
C VAL A 18 -11.65 28.13 0.77
N ALA A 19 -10.43 28.00 1.27
CA ALA A 19 -9.21 28.26 0.52
C ALA A 19 -8.55 26.93 0.18
N VAL A 20 -8.58 26.55 -1.09
CA VAL A 20 -8.15 25.22 -1.51
C VAL A 20 -6.64 25.22 -1.70
N TRP A 21 -5.95 24.38 -0.92
CA TRP A 21 -4.49 24.25 -0.99
C TRP A 21 -4.19 23.00 -1.81
N GLY A 22 -4.02 23.16 -3.12
CA GLY A 22 -3.73 22.06 -4.01
C GLY A 22 -4.62 22.09 -5.24
N VAL A 23 -4.36 21.12 -6.13
CA VAL A 23 -5.08 21.03 -7.39
C VAL A 23 -6.47 20.45 -7.12
N PRO A 24 -7.54 21.21 -7.37
CA PRO A 24 -8.88 20.69 -7.08
C PRO A 24 -9.25 19.56 -8.03
N THR A 25 -10.01 18.62 -7.49
CA THR A 25 -10.48 17.45 -8.23
C THR A 25 -11.98 17.54 -8.44
N ARG A 26 -12.50 16.63 -9.26
CA ARG A 26 -13.94 16.60 -9.52
C ARG A 26 -14.73 16.32 -8.24
N ARG A 27 -14.28 15.34 -7.45
CA ARG A 27 -14.98 15.01 -6.22
C ARG A 27 -14.97 16.18 -5.24
N LEU A 28 -13.85 16.92 -5.19
CA LEU A 28 -13.76 18.05 -4.27
C LEU A 28 -14.67 19.19 -4.70
N LEU A 29 -14.70 19.49 -6.00
CA LEU A 29 -15.55 20.58 -6.47
C LEU A 29 -17.02 20.28 -6.22
N ARG A 30 -17.42 19.02 -6.31
CA ARG A 30 -18.80 18.65 -6.03
C ARG A 30 -19.15 18.90 -4.56
N ALA A 31 -18.26 18.49 -3.65
CA ALA A 31 -18.50 18.69 -2.23
C ALA A 31 -18.43 20.16 -1.84
N LEU A 32 -17.74 21.00 -2.60
CA LEU A 32 -17.55 22.40 -2.27
C LEU A 32 -18.59 23.32 -2.89
N LYS A 33 -19.51 22.79 -3.70
CA LYS A 33 -20.51 23.66 -4.34
C LYS A 33 -21.41 24.43 -3.37
N PRO A 34 -21.91 23.84 -2.27
CA PRO A 34 -22.74 24.64 -1.36
C PRO A 34 -21.99 25.78 -0.70
N PHE A 35 -20.68 25.75 -0.73
CA PHE A 35 -19.85 26.72 -0.03
C PHE A 35 -19.16 27.63 -1.03
N LYS A 36 -18.51 28.65 -0.51
CA LYS A 36 -17.73 29.53 -1.36
C LYS A 36 -16.26 29.21 -1.18
N PHE A 37 -15.59 28.99 -2.31
CA PHE A 37 -14.22 28.51 -2.30
C PHE A 37 -13.43 29.18 -3.40
N HIS A 38 -12.12 29.15 -3.24
CA HIS A 38 -11.19 29.72 -4.20
C HIS A 38 -9.86 29.05 -3.99
N THR A 39 -8.97 29.19 -4.97
CA THR A 39 -7.61 28.73 -4.80
C THR A 39 -6.93 29.54 -3.69
N ALA A 40 -6.20 28.83 -2.83
CA ALA A 40 -5.53 29.47 -1.71
C ALA A 40 -4.26 30.21 -2.17
N ASP A 41 -4.16 31.49 -1.80
CA ASP A 41 -2.91 32.22 -1.97
C ASP A 41 -2.48 32.79 -0.62
N ARG A 42 -2.88 34.03 -0.33
CA ARG A 42 -2.72 34.61 1.00
C ARG A 42 -3.96 34.26 1.82
N VAL A 43 -3.77 33.62 2.97
CA VAL A 43 -4.87 33.14 3.77
C VAL A 43 -4.71 33.61 5.21
N ASP A 44 -5.85 33.87 5.85
CA ASP A 44 -5.89 34.30 7.23
C ASP A 44 -7.05 33.52 7.86
N PRO A 45 -6.87 32.96 9.05
CA PRO A 45 -7.95 32.16 9.66
C PRO A 45 -9.20 32.98 9.97
N GLN A 46 -9.10 34.31 10.06
CA GLN A 46 -10.31 35.10 10.29
C GLN A 46 -11.23 35.08 9.09
N TYR A 47 -10.67 34.87 7.89
CA TYR A 47 -11.44 34.95 6.66
C TYR A 47 -11.41 33.67 5.83
N HIS A 48 -10.50 32.73 6.12
CA HIS A 48 -10.32 31.58 5.25
C HIS A 48 -10.32 30.30 6.07
N TYR A 49 -10.94 29.25 5.52
CA TYR A 49 -10.79 27.88 5.99
C TYR A 49 -10.01 27.12 4.93
N VAL A 50 -8.85 26.60 5.28
CA VAL A 50 -7.94 25.98 4.32
C VAL A 50 -8.28 24.50 4.19
N VAL A 51 -8.50 24.05 2.97
CA VAL A 51 -8.72 22.65 2.69
C VAL A 51 -7.56 22.18 1.82
N ALA A 52 -6.71 21.32 2.39
CA ALA A 52 -5.66 20.66 1.62
C ALA A 52 -6.27 19.50 0.87
N VAL A 53 -6.03 19.42 -0.43
CA VAL A 53 -6.64 18.36 -1.23
C VAL A 53 -6.07 17.01 -0.82
N THR A 54 -4.75 16.86 -0.93
CA THR A 54 -4.06 15.64 -0.56
C THR A 54 -3.21 15.88 0.68
N ASP A 55 -2.82 14.77 1.32
CA ASP A 55 -1.92 14.87 2.45
C ASP A 55 -0.57 15.41 2.04
N ASP A 56 -0.20 15.27 0.76
CA ASP A 56 0.97 15.98 0.23
C ASP A 56 0.76 17.48 0.26
N ASP A 57 -0.45 17.95 -0.05
CA ASP A 57 -0.75 19.37 0.03
C ASP A 57 -0.73 19.87 1.47
N LEU A 58 -1.15 19.04 2.41
CA LEU A 58 -1.19 19.47 3.81
C LEU A 58 0.21 19.74 4.34
N THR A 59 1.15 18.80 4.10
CA THR A 59 2.51 18.99 4.59
C THR A 59 3.17 20.21 3.95
N ASP A 60 2.78 20.53 2.71
CA ASP A 60 3.26 21.78 2.13
C ASP A 60 2.62 22.99 2.82
N PHE A 61 1.33 22.90 3.15
CA PHE A 61 0.66 23.99 3.86
C PHE A 61 1.27 24.19 5.24
N LEU A 62 1.47 23.09 5.98
CA LEU A 62 2.08 23.20 7.30
C LEU A 62 3.52 23.71 7.22
N SER A 63 4.16 23.57 6.07
CA SER A 63 5.49 24.14 5.85
C SER A 63 5.45 25.63 5.52
N ASP A 64 4.27 26.17 5.19
CA ASP A 64 4.15 27.58 4.90
C ASP A 64 4.00 28.37 6.19
N GLU A 65 4.62 29.56 6.23
CA GLU A 65 4.54 30.38 7.43
C GLU A 65 3.13 30.87 7.71
N GLN A 66 2.22 30.78 6.73
CA GLN A 66 0.85 31.20 6.96
C GLN A 66 0.07 30.23 7.82
N SER A 67 0.51 28.96 7.90
CA SER A 67 -0.26 27.96 8.62
C SER A 67 -0.17 28.11 10.13
N LYS A 68 0.73 28.96 10.64
CA LYS A 68 0.98 29.01 12.08
C LYS A 68 -0.27 29.40 12.87
N SER A 69 -1.13 30.24 12.30
CA SER A 69 -2.33 30.70 12.98
C SER A 69 -3.53 29.79 12.78
N PHE A 70 -3.37 28.72 12.00
CA PHE A 70 -4.47 27.83 11.67
C PHE A 70 -4.44 26.61 12.59
N GLN A 71 -5.57 26.35 13.25
CA GLN A 71 -5.72 25.20 14.14
C GLN A 71 -6.41 24.06 13.41
N TYR A 72 -5.97 22.84 13.68
CA TYR A 72 -6.53 21.66 13.01
C TYR A 72 -8.03 21.57 13.22
N ALA A 73 -8.73 21.11 12.19
CA ALA A 73 -10.19 20.94 12.17
C ALA A 73 -10.93 22.28 12.22
N ASN A 74 -10.65 23.11 13.24
CA ASN A 74 -11.33 24.40 13.36
C ASN A 74 -11.04 25.29 12.16
N ASP A 75 -9.80 25.25 11.65
CA ASP A 75 -9.40 26.16 10.58
C ASP A 75 -8.87 25.47 9.33
N TYR A 76 -8.54 24.18 9.39
CA TYR A 76 -8.06 23.53 8.18
C TYR A 76 -8.33 22.03 8.25
N LEU A 77 -8.32 21.41 7.09
CA LEU A 77 -8.56 19.97 6.97
C LEU A 77 -8.00 19.48 5.65
N THR A 78 -7.79 18.17 5.57
CA THR A 78 -7.40 17.49 4.34
C THR A 78 -8.62 16.79 3.76
N PHE A 79 -8.82 16.94 2.45
CA PHE A 79 -9.94 16.29 1.80
C PHE A 79 -9.69 14.79 1.55
N ASP A 80 -8.46 14.43 1.19
CA ASP A 80 -8.09 13.02 0.96
C ASP A 80 -7.75 12.32 2.28
N ASP A 81 -8.69 12.36 3.20
CA ASP A 81 -8.43 11.85 4.54
C ASP A 81 -9.73 11.45 5.23
N GLU A 82 -10.55 10.65 4.56
CA GLU A 82 -11.86 10.31 5.10
C GLU A 82 -11.75 9.62 6.46
N GLY A 83 -10.68 8.87 6.68
CA GLY A 83 -10.46 8.21 7.94
C GLY A 83 -9.74 9.04 8.98
N GLY A 84 -9.40 10.29 8.67
CA GLY A 84 -8.63 11.10 9.60
C GLY A 84 -9.40 11.42 10.86
N GLU A 85 -8.66 11.64 11.95
CA GLU A 85 -9.27 11.93 13.24
C GLU A 85 -9.99 13.27 13.22
N LEU A 86 -11.02 13.36 14.05
CA LEU A 86 -11.73 14.61 14.32
C LEU A 86 -11.92 14.75 15.82
N PRO A 87 -12.03 15.98 16.33
CA PRO A 87 -12.24 16.17 17.77
C PRO A 87 -13.68 15.93 18.23
N PHE A 88 -14.59 15.61 17.32
CA PHE A 88 -15.99 15.36 17.67
C PHE A 88 -16.44 14.08 16.99
N GLU A 89 -17.52 13.50 17.53
CA GLU A 89 -18.11 12.31 16.93
C GLU A 89 -18.60 12.60 15.52
N ARG A 90 -18.28 11.72 14.59
CA ARG A 90 -18.59 11.91 13.19
C ARG A 90 -19.22 10.64 12.62
N MSE A 91 -19.53 10.71 11.35
CA MSE A 91 -20.08 9.61 10.66
C MSE A 91 -19.21 9.30 9.50
O MSE A 91 -18.65 10.18 8.88
CB MSE A 91 -21.39 9.98 10.05
CG MSE A 91 -22.53 10.20 10.99
SE MSE A 91 -22.86 8.65 12.10
CE MSE A 91 -22.80 9.67 13.76
N CYS A 92 -19.03 8.03 9.23
CA CYS A 92 -18.25 7.58 8.09
C CYS A 92 -19.14 6.61 7.32
N PHE A 93 -19.82 7.11 6.27
CA PHE A 93 -20.78 6.31 5.52
C PHE A 93 -21.80 5.65 6.45
N ASN A 94 -22.48 6.47 7.26
CA ASN A 94 -23.49 5.99 8.21
C ASN A 94 -22.89 5.13 9.33
N VAL A 95 -21.60 5.28 9.63
CA VAL A 95 -20.97 4.53 10.71
C VAL A 95 -20.53 5.53 11.77
N PRO A 96 -21.04 5.43 12.99
CA PRO A 96 -20.57 6.34 14.07
C PRO A 96 -19.12 6.08 14.40
N VAL A 97 -18.34 7.17 14.48
CA VAL A 97 -16.92 7.12 14.78
C VAL A 97 -16.64 8.11 15.91
N GLY A 98 -15.92 7.66 16.94
CA GLY A 98 -15.67 8.49 18.10
C GLY A 98 -14.57 9.52 17.88
N ARG A 99 -14.40 10.37 18.90
CA ARG A 99 -13.41 11.44 18.87
C ARG A 99 -12.00 10.87 18.81
N GLN A 100 -11.12 11.58 18.10
CA GLN A 100 -9.69 11.26 18.07
C GLN A 100 -9.45 9.81 17.64
N THR A 101 -10.28 9.33 16.72
CA THR A 101 -10.15 8.00 16.14
C THR A 101 -9.87 8.12 14.65
N TYR A 102 -8.85 7.40 14.17
CA TYR A 102 -8.46 7.48 12.77
C TYR A 102 -8.25 6.10 12.19
N PHE A 103 -8.28 6.02 10.87
CA PHE A 103 -8.06 4.78 10.15
C PHE A 103 -7.79 5.12 8.69
N GLY A 104 -7.42 4.11 7.92
CA GLY A 104 -7.06 4.29 6.53
C GLY A 104 -8.18 3.92 5.57
N ASP A 105 -7.85 3.95 4.28
CA ASP A 105 -8.84 3.70 3.24
C ASP A 105 -9.38 2.28 3.26
N GLY A 106 -8.58 1.33 3.76
CA GLY A 106 -9.08 -0.03 3.90
C GLY A 106 -10.28 -0.10 4.83
N VAL A 107 -10.25 0.68 5.92
CA VAL A 107 -11.36 0.67 6.87
C VAL A 107 -12.50 1.56 6.38
N VAL A 108 -12.20 2.66 5.69
CA VAL A 108 -13.25 3.49 5.10
C VAL A 108 -14.08 2.69 4.11
N GLY A 109 -13.41 1.93 3.24
CA GLY A 109 -14.14 1.04 2.35
C GLY A 109 -14.99 0.03 3.10
N ALA A 110 -14.50 -0.45 4.24
CA ALA A 110 -15.28 -1.40 5.04
C ALA A 110 -16.55 -0.76 5.59
N CYS A 111 -16.45 0.49 6.07
CA CYS A 111 -17.65 1.22 6.47
C CYS A 111 -18.62 1.36 5.31
N GLU A 112 -18.10 1.70 4.12
CA GLU A 112 -18.94 1.84 2.95
C GLU A 112 -19.61 0.52 2.57
N ASN A 113 -18.92 -0.60 2.80
CA ASN A 113 -19.48 -1.90 2.44
C ASN A 113 -20.49 -2.43 3.46
N GLY A 114 -20.76 -1.71 4.54
CA GLY A 114 -21.66 -2.22 5.55
C GLY A 114 -21.05 -3.20 6.53
N TYR A 115 -19.73 -3.32 6.57
CA TYR A 115 -19.08 -4.32 7.41
C TYR A 115 -18.96 -3.89 8.86
N ILE A 116 -19.09 -2.59 9.16
CA ILE A 116 -18.77 -2.03 10.47
C ILE A 116 -20.00 -1.35 11.03
N LYS A 117 -20.38 -1.72 12.26
CA LYS A 117 -21.50 -1.08 12.95
C LYS A 117 -21.08 0.23 13.63
N SER A 118 -19.94 0.25 14.31
CA SER A 118 -19.47 1.48 14.97
C SER A 118 -18.00 1.35 15.27
N ILE A 119 -17.36 2.51 15.48
CA ILE A 119 -15.96 2.58 15.89
C ILE A 119 -15.87 3.53 17.06
N GLY A 120 -15.17 3.12 18.12
CA GLY A 120 -15.18 3.82 19.38
C GLY A 120 -14.31 5.07 19.39
N GLN A 121 -14.07 5.56 20.60
CA GLN A 121 -13.30 6.78 20.83
C GLN A 121 -11.83 6.45 21.08
N PHE A 122 -10.96 7.35 20.62
CA PHE A 122 -9.52 7.25 20.85
C PHE A 122 -8.96 5.93 20.33
N THR A 123 -9.45 5.50 19.18
CA THR A 123 -8.99 4.28 18.54
C THR A 123 -8.04 4.59 17.40
N SER A 124 -6.93 3.86 17.34
CA SER A 124 -5.81 4.14 16.44
C SER A 124 -5.62 2.97 15.49
N ILE A 125 -5.99 3.14 14.23
CA ILE A 125 -5.91 2.08 13.24
C ILE A 125 -4.94 2.50 12.13
N ASN A 126 -3.88 1.72 11.96
CA ASN A 126 -2.86 2.03 10.96
C ASN A 126 -3.48 2.07 9.57
N GLY A 127 -2.93 2.93 8.71
CA GLY A 127 -3.48 3.15 7.38
C GLY A 127 -3.47 1.93 6.48
N THR A 128 -2.58 0.96 6.73
CA THR A 128 -2.51 -0.24 5.89
C THR A 128 -3.35 -1.40 6.42
N ALA A 129 -4.04 -1.26 7.54
CA ALA A 129 -4.91 -2.33 8.01
C ALA A 129 -6.08 -2.53 7.06
N GLU A 130 -6.48 -3.78 6.87
CA GLU A 130 -7.54 -4.13 5.93
C GLU A 130 -8.65 -4.86 6.66
N ILE A 131 -9.88 -4.59 6.25
CA ILE A 131 -11.04 -5.34 6.72
C ILE A 131 -11.82 -5.79 5.49
N HIS A 132 -11.97 -7.11 5.33
CA HIS A 132 -12.65 -7.69 4.19
C HIS A 132 -13.43 -8.92 4.65
N ALA A 133 -14.41 -9.32 3.86
CA ALA A 133 -15.20 -10.52 4.10
C ALA A 133 -14.78 -11.63 3.15
N ASN A 134 -15.23 -12.85 3.42
CA ASN A 134 -14.87 -13.98 2.58
C ASN A 134 -15.79 -14.09 1.37
N HIS A 135 -15.24 -14.57 0.26
CA HIS A 135 -16.07 -15.04 -0.83
C HIS A 135 -16.80 -16.33 -0.40
N GLN A 136 -17.78 -16.74 -1.19
CA GLN A 136 -18.48 -17.99 -0.92
C GLN A 136 -17.53 -19.17 -1.05
N LEU A 137 -17.72 -20.18 -0.20
CA LEU A 137 -16.87 -21.36 -0.19
C LEU A 137 -17.64 -22.66 -0.37
N ASN A 138 -18.96 -22.61 -0.49
CA ASN A 138 -19.77 -23.80 -0.65
C ASN A 138 -20.30 -23.92 -2.07
N MSE A 139 -19.64 -23.28 -3.02
CA MSE A 139 -20.15 -23.27 -4.36
C MSE A 139 -19.09 -23.90 -5.27
O MSE A 139 -17.99 -24.20 -4.81
CB MSE A 139 -20.50 -21.83 -4.75
CG MSE A 139 -21.99 -21.54 -4.61
SE MSE A 139 -22.49 -19.73 -5.11
CE MSE A 139 -23.66 -19.16 -3.68
N THR A 140 -19.43 -24.10 -6.54
CA THR A 140 -18.43 -24.61 -7.48
C THR A 140 -17.35 -23.57 -7.74
N PHE A 141 -17.67 -22.28 -7.60
CA PHE A 141 -16.76 -21.19 -7.90
C PHE A 141 -16.61 -20.30 -6.68
N VAL A 142 -15.46 -19.63 -6.57
CA VAL A 142 -15.24 -18.62 -5.54
C VAL A 142 -15.24 -17.21 -6.11
N SER A 143 -15.25 -17.05 -7.42
CA SER A 143 -15.24 -15.72 -8.01
C SER A 143 -16.43 -14.90 -7.55
N ASP A 144 -16.22 -13.61 -7.38
CA ASP A 144 -17.35 -12.69 -7.19
C ASP A 144 -17.72 -11.95 -8.47
N ASP A 145 -16.76 -11.61 -9.33
CA ASP A 145 -17.06 -10.82 -10.52
C ASP A 145 -17.72 -11.64 -11.63
N ILE A 146 -17.79 -12.97 -11.49
CA ILE A 146 -18.61 -13.75 -12.41
C ILE A 146 -20.05 -13.28 -12.41
N GLN A 147 -20.51 -12.62 -11.34
CA GLN A 147 -21.90 -12.18 -11.28
C GLN A 147 -22.18 -11.04 -12.27
N ASN A 148 -21.14 -10.35 -12.74
CA ASN A 148 -21.34 -9.41 -13.84
C ASN A 148 -21.88 -10.08 -15.09
N PHE A 149 -21.74 -11.40 -15.22
CA PHE A 149 -22.32 -12.14 -16.34
C PHE A 149 -23.68 -12.73 -16.02
N PHE A 150 -24.14 -12.65 -14.76
CA PHE A 150 -25.41 -13.25 -14.37
C PHE A 150 -26.59 -12.39 -14.81
N ASN A 151 -27.57 -13.00 -15.48
CA ASN A 151 -28.82 -12.30 -15.67
C ASN A 151 -29.58 -12.26 -14.34
N GLU A 152 -30.79 -11.69 -14.37
CA GLU A 152 -31.52 -11.55 -13.12
C GLU A 152 -31.98 -12.89 -12.56
N GLU A 153 -32.25 -13.87 -13.44
CA GLU A 153 -32.61 -15.21 -12.98
C GLU A 153 -31.44 -15.85 -12.24
N SER A 154 -30.24 -15.81 -12.86
CA SER A 154 -29.06 -16.34 -12.20
C SER A 154 -28.72 -15.56 -10.93
N MSE A 155 -28.80 -14.23 -11.01
CA MSE A 155 -28.51 -13.36 -9.87
C MSE A 155 -29.36 -13.73 -8.66
O MSE A 155 -28.87 -13.67 -7.52
CB MSE A 155 -28.77 -11.88 -10.25
CG MSE A 155 -28.05 -10.83 -9.43
SE MSE A 155 -26.09 -10.99 -9.35
CE MSE A 155 -25.91 -11.15 -7.52
N ALA A 156 -30.60 -14.14 -8.89
CA ALA A 156 -31.53 -14.40 -7.80
C ALA A 156 -31.15 -15.67 -7.03
N VAL A 157 -30.86 -16.77 -7.72
CA VAL A 157 -30.45 -17.98 -7.02
C VAL A 157 -29.07 -17.82 -6.41
N PHE A 158 -28.21 -16.99 -7.03
CA PHE A 158 -26.91 -16.72 -6.44
C PHE A 158 -27.06 -15.97 -5.11
N GLN A 159 -27.81 -14.86 -5.14
CA GLN A 159 -28.06 -14.11 -3.90
C GLN A 159 -28.74 -14.97 -2.85
N GLU A 160 -29.58 -15.89 -3.28
CA GLU A 160 -30.33 -16.75 -2.37
C GLU A 160 -29.44 -17.66 -1.53
N LYS A 161 -28.53 -18.37 -2.20
CA LYS A 161 -27.64 -19.29 -1.49
C LYS A 161 -26.63 -18.54 -0.63
N LEU A 162 -26.25 -17.32 -1.03
CA LEU A 162 -25.31 -16.53 -0.23
C LEU A 162 -25.90 -16.20 1.14
N ARG A 163 -27.14 -15.73 1.19
CA ARG A 163 -27.70 -15.27 2.46
C ARG A 163 -28.02 -16.40 3.42
N LYS A 164 -28.13 -17.64 2.93
CA LYS A 164 -28.30 -18.78 3.81
C LYS A 164 -26.99 -19.37 4.30
N ASP A 165 -25.89 -19.06 3.62
CA ASP A 165 -24.60 -19.63 3.93
C ASP A 165 -24.21 -19.30 5.37
N PRO A 166 -24.06 -20.30 6.25
CA PRO A 166 -23.70 -20.00 7.65
C PRO A 166 -22.31 -19.39 7.81
N LYS A 167 -21.46 -19.47 6.79
CA LYS A 167 -20.12 -18.88 6.87
C LYS A 167 -20.12 -17.41 6.50
N HIS A 168 -21.29 -16.81 6.29
CA HIS A 168 -21.44 -15.38 6.09
C HIS A 168 -20.52 -14.81 5.00
N PRO A 169 -20.60 -15.33 3.77
CA PRO A 169 -19.83 -14.70 2.69
C PRO A 169 -20.32 -13.27 2.50
N TYR A 170 -19.36 -12.38 2.22
CA TYR A 170 -19.65 -10.95 2.04
C TYR A 170 -20.38 -10.36 3.25
N ALA A 171 -20.19 -10.98 4.42
CA ALA A 171 -20.80 -10.56 5.68
C ALA A 171 -22.32 -10.64 5.63
N TYR A 172 -22.85 -11.54 4.80
CA TYR A 172 -24.29 -11.77 4.73
C TYR A 172 -24.80 -12.44 6.00
N SER A 173 -25.97 -12.01 6.45
CA SER A 173 -26.70 -12.69 7.52
C SER A 173 -25.92 -12.69 8.83
N LYS A 174 -25.21 -11.59 9.09
CA LYS A 174 -24.49 -11.42 10.35
C LYS A 174 -24.50 -9.94 10.71
N GLU A 175 -24.32 -9.68 12.01
CA GLU A 175 -24.30 -8.31 12.47
C GLU A 175 -22.99 -7.64 12.09
N PRO A 176 -22.99 -6.38 11.68
CA PRO A 176 -21.75 -5.68 11.40
C PRO A 176 -20.90 -5.59 12.67
N MSE A 177 -19.59 -5.51 12.48
CA MSE A 177 -18.66 -5.51 13.61
C MSE A 177 -18.44 -4.21 14.33
O MSE A 177 -18.21 -3.15 13.70
CB MSE A 177 -17.32 -6.03 13.11
CG MSE A 177 -16.40 -4.89 12.70
SE MSE A 177 -14.57 -5.57 12.47
CE MSE A 177 -14.94 -6.89 11.05
N THR A 178 -18.48 -4.28 15.66
CA THR A 178 -18.21 -3.14 16.52
C THR A 178 -16.71 -3.10 16.84
N ILE A 179 -16.10 -1.94 16.68
CA ILE A 179 -14.71 -1.73 17.07
C ILE A 179 -14.72 -0.80 18.28
N GLY A 180 -14.10 -1.25 19.37
CA GLY A 180 -14.23 -0.58 20.63
C GLY A 180 -13.40 0.69 20.72
N SER A 181 -13.39 1.27 21.92
CA SER A 181 -12.61 2.47 22.20
C SER A 181 -11.23 2.08 22.71
N ASP A 182 -10.30 3.05 22.59
CA ASP A 182 -8.92 2.84 23.01
C ASP A 182 -8.34 1.57 22.40
N VAL A 183 -8.69 1.32 21.15
CA VAL A 183 -8.22 0.15 20.40
C VAL A 183 -7.00 0.57 19.57
N TYR A 184 -6.04 -0.33 19.44
CA TYR A 184 -4.87 -0.12 18.59
C TYR A 184 -4.78 -1.26 17.59
N ILE A 185 -4.65 -0.92 16.31
CA ILE A 185 -4.51 -1.90 15.24
C ILE A 185 -3.27 -1.54 14.41
N GLY A 186 -2.36 -2.51 14.23
CA GLY A 186 -1.08 -2.25 13.64
C GLY A 186 -1.04 -2.41 12.12
N ALA A 187 0.15 -2.22 11.57
CA ALA A 187 0.31 -2.16 10.11
C ALA A 187 0.04 -3.52 9.47
N HIS A 188 -0.56 -3.48 8.28
CA HIS A 188 -0.87 -4.67 7.50
C HIS A 188 -1.72 -5.67 8.26
N ALA A 189 -2.41 -5.24 9.32
CA ALA A 189 -3.30 -6.16 10.01
C ALA A 189 -4.51 -6.45 9.12
N PHE A 190 -5.14 -7.59 9.37
CA PHE A 190 -6.32 -7.98 8.61
C PHE A 190 -7.38 -8.48 9.58
N ILE A 191 -8.61 -8.00 9.42
CA ILE A 191 -9.75 -8.45 10.20
C ILE A 191 -10.79 -9.01 9.24
N ASN A 192 -11.22 -10.25 9.51
CA ASN A 192 -12.14 -10.96 8.62
C ASN A 192 -13.57 -10.61 9.01
N ALA A 193 -14.24 -9.84 8.15
CA ALA A 193 -15.61 -9.42 8.40
C ALA A 193 -16.63 -10.54 8.31
N SER A 194 -16.25 -11.71 7.75
CA SER A 194 -17.16 -12.86 7.75
C SER A 194 -17.29 -13.47 9.14
N THR A 195 -16.25 -13.38 9.95
CA THR A 195 -16.15 -14.16 11.18
C THR A 195 -16.03 -13.32 12.45
N VAL A 196 -15.82 -12.02 12.33
CA VAL A 196 -15.57 -11.16 13.47
C VAL A 196 -16.74 -10.21 13.64
N THR A 197 -17.29 -10.14 14.85
CA THR A 197 -18.34 -9.18 15.17
C THR A 197 -17.94 -8.17 16.24
N SER A 198 -16.85 -8.39 16.96
CA SER A 198 -16.44 -7.40 17.96
C SER A 198 -14.93 -7.40 18.11
N ILE A 199 -14.37 -6.19 18.14
CA ILE A 199 -13.06 -5.92 18.70
C ILE A 199 -13.31 -5.16 20.00
N GLY A 200 -13.07 -5.82 21.13
CA GLY A 200 -13.41 -5.23 22.41
C GLY A 200 -12.62 -3.98 22.71
N ASP A 201 -13.16 -3.18 23.64
CA ASP A 201 -12.48 -1.98 24.12
C ASP A 201 -11.07 -2.33 24.60
N GLY A 202 -10.11 -1.47 24.25
CA GLY A 202 -8.74 -1.62 24.73
C GLY A 202 -7.93 -2.70 24.05
N ALA A 203 -8.50 -3.44 23.11
CA ALA A 203 -7.76 -4.51 22.45
C ALA A 203 -6.60 -3.96 21.62
N ILE A 204 -5.51 -4.72 21.56
CA ILE A 204 -4.36 -4.39 20.73
C ILE A 204 -4.19 -5.49 19.70
N ILE A 205 -4.12 -5.09 18.43
CA ILE A 205 -3.91 -6.01 17.32
C ILE A 205 -2.57 -5.68 16.68
N GLY A 206 -1.64 -6.63 16.71
CA GLY A 206 -0.28 -6.37 16.28
C GLY A 206 -0.14 -6.29 14.77
N SER A 207 1.00 -5.74 14.36
CA SER A 207 1.37 -5.68 12.95
C SER A 207 1.34 -7.06 12.31
N GLY A 208 0.75 -7.14 11.12
CA GLY A 208 0.72 -8.39 10.40
C GLY A 208 -0.21 -9.43 10.96
N ALA A 209 -0.98 -9.10 11.99
CA ALA A 209 -1.92 -10.06 12.55
C ALA A 209 -3.09 -10.32 11.61
N VAL A 210 -3.48 -11.59 11.50
CA VAL A 210 -4.65 -11.99 10.75
C VAL A 210 -5.71 -12.41 11.76
N VAL A 211 -6.73 -11.58 11.94
CA VAL A 211 -7.71 -11.75 13.02
C VAL A 211 -8.93 -12.44 12.44
N LEU A 212 -9.17 -13.68 12.88
CA LEU A 212 -10.28 -14.50 12.39
C LEU A 212 -11.38 -14.67 13.42
N GLU A 213 -11.20 -14.17 14.64
CA GLU A 213 -12.10 -14.35 15.76
C GLU A 213 -12.30 -13.02 16.48
N ASN A 214 -13.41 -12.90 17.20
CA ASN A 214 -13.59 -11.76 18.10
C ASN A 214 -12.41 -11.63 19.04
N VAL A 215 -12.05 -10.39 19.36
CA VAL A 215 -10.95 -10.08 20.26
C VAL A 215 -11.56 -9.54 21.56
N PRO A 216 -11.35 -10.20 22.69
CA PRO A 216 -11.95 -9.73 23.96
C PRO A 216 -11.40 -8.36 24.34
N PRO A 217 -12.08 -7.65 25.24
CA PRO A 217 -11.56 -6.37 25.71
C PRO A 217 -10.16 -6.51 26.30
N PHE A 218 -9.26 -5.61 25.87
CA PHE A 218 -7.92 -5.46 26.43
C PHE A 218 -7.02 -6.66 26.17
N ALA A 219 -7.40 -7.54 25.24
CA ALA A 219 -6.50 -8.60 24.80
C ALA A 219 -5.50 -8.06 23.77
N VAL A 220 -4.29 -8.61 23.81
CA VAL A 220 -3.27 -8.34 22.80
C VAL A 220 -3.14 -9.59 21.91
N VAL A 221 -3.40 -9.42 20.61
CA VAL A 221 -3.39 -10.54 19.67
C VAL A 221 -2.37 -10.28 18.58
N VAL A 222 -1.61 -11.32 18.23
CA VAL A 222 -0.55 -11.24 17.23
C VAL A 222 -0.51 -12.55 16.47
N GLY A 223 0.05 -12.50 15.26
CA GLY A 223 0.40 -13.71 14.54
C GLY A 223 -0.53 -13.98 13.36
N VAL A 224 -0.15 -14.99 12.61
CA VAL A 224 -0.88 -15.43 11.41
C VAL A 224 -1.22 -16.90 11.58
N PRO A 225 -2.44 -17.25 12.03
CA PRO A 225 -3.51 -16.31 12.39
C PRO A 225 -3.32 -15.76 13.79
N ALA A 226 -4.12 -14.77 14.18
CA ALA A 226 -3.91 -14.10 15.46
C ALA A 226 -4.34 -14.97 16.63
N ARG A 227 -3.55 -14.93 17.71
CA ARG A 227 -3.82 -15.61 18.97
C ARG A 227 -3.65 -14.62 20.11
N ILE A 228 -4.35 -14.85 21.21
CA ILE A 228 -4.23 -13.95 22.36
C ILE A 228 -2.87 -14.16 23.01
N LYS A 229 -2.10 -13.08 23.11
CA LYS A 229 -0.79 -13.15 23.73
C LYS A 229 -0.91 -12.94 25.24
N ARG A 230 -1.55 -11.84 25.62
CA ARG A 230 -1.76 -11.49 27.02
C ARG A 230 -2.82 -10.41 27.03
N TYR A 231 -3.25 -10.05 28.24
CA TYR A 231 -4.14 -8.92 28.42
C TYR A 231 -3.34 -7.74 28.97
N ARG A 232 -3.86 -6.54 28.72
CA ARG A 232 -3.15 -5.34 29.16
C ARG A 232 -3.20 -5.17 30.67
N PHE A 233 -4.25 -5.64 31.31
CA PHE A 233 -4.49 -5.35 32.72
C PHE A 233 -5.01 -6.59 33.44
N SER A 234 -5.00 -6.51 34.77
CA SER A 234 -5.63 -7.51 35.60
C SER A 234 -7.12 -7.60 35.29
N LYS A 235 -7.72 -8.73 35.69
CA LYS A 235 -9.16 -8.92 35.53
C LYS A 235 -9.94 -7.80 36.24
N GLU A 236 -9.59 -7.49 37.48
CA GLU A 236 -10.33 -6.49 38.23
C GLU A 236 -10.17 -5.11 37.62
N MSE A 237 -8.99 -4.80 37.08
CA MSE A 237 -8.78 -3.55 36.39
C MSE A 237 -9.68 -3.46 35.16
O MSE A 237 -10.27 -2.42 34.87
CB MSE A 237 -7.32 -3.38 35.98
CG MSE A 237 -7.06 -2.19 35.08
SE MSE A 237 -7.08 -0.49 36.02
CE MSE A 237 -6.00 0.56 34.79
N ILE A 238 -9.78 -4.57 34.42
CA ILE A 238 -10.58 -4.58 33.20
C ILE A 238 -12.04 -4.29 33.53
N GLU A 239 -12.58 -4.95 34.56
CA GLU A 239 -13.93 -4.67 35.02
C GLU A 239 -14.11 -3.20 35.39
N THR A 240 -13.16 -2.65 36.15
CA THR A 240 -13.22 -1.24 36.53
C THR A 240 -13.27 -0.35 35.29
N LEU A 241 -12.39 -0.62 34.33
CA LEU A 241 -12.34 0.20 33.12
C LEU A 241 -13.63 0.11 32.33
N LEU A 242 -14.23 -1.08 32.28
CA LEU A 242 -15.49 -1.23 31.54
C LEU A 242 -16.65 -0.55 32.26
N ARG A 243 -16.55 -0.33 33.58
CA ARG A 243 -17.54 0.43 34.32
C ARG A 243 -17.30 1.94 34.25
N VAL A 244 -16.03 2.35 34.34
CA VAL A 244 -15.72 3.78 34.40
C VAL A 244 -15.86 4.42 33.03
N LYS A 245 -15.34 3.77 32.00
CA LYS A 245 -15.40 4.25 30.62
C LYS A 245 -14.85 5.68 30.52
N TRP A 246 -13.54 5.79 30.74
CA TRP A 246 -12.88 7.08 30.63
C TRP A 246 -12.97 7.65 29.22
N TRP A 247 -13.15 6.79 28.21
CA TRP A 247 -13.21 7.27 26.83
C TRP A 247 -14.47 8.08 26.55
N ASP A 248 -15.45 8.05 27.44
CA ASP A 248 -16.63 8.91 27.33
C ASP A 248 -16.49 10.21 28.10
N TRP A 249 -15.32 10.48 28.69
CA TRP A 249 -15.11 11.68 29.49
C TRP A 249 -15.06 12.92 28.60
N SER A 250 -15.47 14.05 29.18
CA SER A 250 -15.29 15.33 28.52
C SER A 250 -13.81 15.70 28.48
N ILE A 251 -13.49 16.74 27.71
CA ILE A 251 -12.10 17.16 27.54
C ILE A 251 -11.51 17.61 28.88
N GLU A 252 -12.29 18.34 29.68
CA GLU A 252 -11.75 18.84 30.94
C GLU A 252 -11.47 17.72 31.93
N GLU A 253 -12.37 16.75 32.05
CA GLU A 253 -12.13 15.69 33.02
C GLU A 253 -11.05 14.72 32.57
N ILE A 254 -10.76 14.65 31.26
CA ILE A 254 -9.56 13.95 30.81
C ILE A 254 -8.32 14.65 31.33
N ASN A 255 -8.30 15.98 31.28
CA ASN A 255 -7.15 16.72 31.80
C ASN A 255 -7.07 16.64 33.32
N GLU A 256 -8.22 16.69 34.00
CA GLU A 256 -8.23 16.55 35.45
C GLU A 256 -7.68 15.20 35.91
N ASN A 257 -7.89 14.16 35.10
CA ASN A 257 -7.51 12.79 35.45
C ASN A 257 -6.27 12.33 34.72
N VAL A 258 -5.39 13.25 34.31
CA VAL A 258 -4.26 12.85 33.49
C VAL A 258 -3.31 11.95 34.27
N ASP A 259 -3.23 12.13 35.58
CA ASP A 259 -2.38 11.26 36.39
C ASP A 259 -2.93 9.84 36.45
N ALA A 260 -4.25 9.70 36.58
CA ALA A 260 -4.85 8.37 36.59
C ALA A 260 -4.80 7.73 35.20
N LEU A 261 -4.96 8.53 34.15
CA LEU A 261 -4.84 8.00 32.80
C LEU A 261 -3.41 7.58 32.49
N ILE A 262 -2.44 8.25 33.10
CA ILE A 262 -1.05 7.91 32.83
C ILE A 262 -0.62 6.67 33.61
N SER A 263 -1.05 6.55 34.87
CA SER A 263 -0.61 5.45 35.73
C SER A 263 -1.77 4.54 36.04
N PRO A 264 -1.74 3.28 35.57
CA PRO A 264 -2.87 2.36 35.88
C PRO A 264 -3.04 2.11 37.36
N GLU A 265 -1.96 2.14 38.14
CA GLU A 265 -2.08 1.93 39.58
C GLU A 265 -2.85 3.08 40.24
N LEU A 266 -2.57 4.32 39.83
CA LEU A 266 -3.35 5.44 40.34
C LEU A 266 -4.80 5.36 39.88
N PHE A 267 -5.03 4.78 38.70
CA PHE A 267 -6.41 4.64 38.21
C PHE A 267 -7.23 3.75 39.14
N MSE A 268 -6.66 2.62 39.56
CA MSE A 268 -7.37 1.67 40.43
C MSE A 268 -7.59 2.21 41.84
O MSE A 268 -8.66 2.03 42.39
CB MSE A 268 -6.61 0.34 40.53
CG MSE A 268 -6.88 -0.62 39.39
SE MSE A 268 -8.77 -0.86 38.99
CE MSE A 268 -9.35 -1.80 40.54
N LYS A 269 -6.56 2.85 42.41
CA LYS A 269 -6.73 3.47 43.72
C LYS A 269 -7.85 4.49 43.70
N LYS A 270 -7.98 5.23 42.60
CA LYS A 270 -9.03 6.23 42.51
C LYS A 270 -10.39 5.60 42.23
N TYR A 271 -10.48 4.75 41.19
CA TYR A 271 -11.75 4.27 40.69
C TYR A 271 -12.09 2.83 41.05
N GLY A 272 -11.13 2.05 41.57
CA GLY A 272 -11.39 0.64 41.81
C GLY A 272 -12.34 0.34 42.94
N MSE B 1 2.23 -3.49 -27.69
CA MSE B 1 1.58 -3.36 -26.39
C MSE B 1 0.60 -2.21 -26.37
O MSE B 1 0.96 -1.07 -26.65
CB MSE B 1 2.62 -3.15 -25.29
CG MSE B 1 3.66 -4.24 -25.22
SE MSE B 1 4.19 -4.72 -23.42
CE MSE B 1 6.03 -4.10 -23.45
N LYS B 2 -0.66 -2.51 -26.05
CA LYS B 2 -1.71 -1.51 -25.93
C LYS B 2 -2.16 -1.42 -24.49
N THR B 3 -2.48 -0.22 -24.04
CA THR B 3 -3.03 -0.07 -22.69
C THR B 3 -4.40 -0.73 -22.61
N ARG B 4 -4.86 -0.95 -21.37
CA ARG B 4 -6.21 -1.45 -21.16
C ARG B 4 -7.23 -0.53 -21.85
N LEU B 5 -7.07 0.79 -21.69
CA LEU B 5 -8.00 1.73 -22.30
C LEU B 5 -8.04 1.58 -23.81
N GLU B 6 -6.86 1.54 -24.44
CA GLU B 6 -6.79 1.38 -25.88
C GLU B 6 -7.56 0.15 -26.35
N GLN B 7 -7.42 -0.97 -25.62
CA GLN B 7 -8.13 -2.19 -25.99
C GLN B 7 -9.64 -2.05 -25.88
N VAL B 8 -10.11 -1.28 -24.88
CA VAL B 8 -11.54 -1.10 -24.71
C VAL B 8 -12.10 -0.14 -25.76
N LEU B 9 -11.40 0.97 -26.01
CA LEU B 9 -11.87 1.92 -27.01
C LEU B 9 -11.92 1.28 -28.39
N GLU B 10 -10.88 0.52 -28.74
CA GLU B 10 -10.88 -0.21 -30.01
C GLU B 10 -12.09 -1.12 -30.14
N ARG B 11 -12.59 -1.64 -29.03
CA ARG B 11 -13.69 -2.60 -29.10
C ARG B 11 -15.06 -1.96 -29.00
N TYR B 12 -15.19 -0.85 -28.26
CA TYR B 12 -16.49 -0.30 -27.91
C TYR B 12 -16.72 1.15 -28.29
N LEU B 13 -15.69 1.92 -28.62
CA LEU B 13 -15.87 3.36 -28.84
C LEU B 13 -16.89 3.62 -29.94
N ASN B 14 -16.66 3.05 -31.13
CA ASN B 14 -17.61 3.07 -32.25
C ASN B 14 -18.00 4.50 -32.64
N GLY B 15 -16.99 5.27 -33.03
CA GLY B 15 -17.21 6.59 -33.57
C GLY B 15 -17.64 7.66 -32.57
N ARG B 16 -17.76 7.33 -31.30
CA ARG B 16 -18.18 8.33 -30.32
C ARG B 16 -16.99 9.19 -29.90
N GLU B 17 -17.31 10.34 -29.32
CA GLU B 17 -16.29 11.21 -28.76
C GLU B 17 -15.93 10.75 -27.36
N VAL B 18 -14.65 10.74 -27.04
CA VAL B 18 -14.22 10.43 -25.67
C VAL B 18 -14.41 11.67 -24.81
N ALA B 19 -15.12 11.51 -23.70
CA ALA B 19 -15.36 12.58 -22.75
C ALA B 19 -14.55 12.29 -21.49
N VAL B 20 -13.61 13.17 -21.16
CA VAL B 20 -12.66 12.93 -20.07
C VAL B 20 -13.25 13.51 -18.79
N TRP B 21 -13.40 12.67 -17.78
CA TRP B 21 -13.96 13.06 -16.49
C TRP B 21 -12.80 13.08 -15.49
N GLY B 22 -12.29 14.27 -15.21
CA GLY B 22 -11.15 14.44 -14.34
C GLY B 22 -10.00 15.15 -15.04
N VAL B 23 -9.02 15.55 -14.23
CA VAL B 23 -7.84 16.23 -14.74
C VAL B 23 -7.06 15.26 -15.62
N PRO B 24 -6.84 15.60 -16.89
CA PRO B 24 -6.09 14.68 -17.76
C PRO B 24 -4.60 14.75 -17.48
N THR B 25 -3.95 13.59 -17.58
CA THR B 25 -2.51 13.46 -17.37
C THR B 25 -1.79 13.37 -18.70
N ARG B 26 -0.45 13.46 -18.63
CA ARG B 26 0.37 13.33 -19.83
C ARG B 26 0.17 11.97 -20.49
N ARG B 27 0.23 10.90 -19.69
CA ARG B 27 0.04 9.56 -20.23
C ARG B 27 -1.30 9.41 -20.92
N LEU B 28 -2.36 9.98 -20.33
CA LEU B 28 -3.69 9.86 -20.91
C LEU B 28 -3.80 10.65 -22.21
N LEU B 29 -3.28 11.88 -22.23
CA LEU B 29 -3.35 12.67 -23.45
C LEU B 29 -2.68 11.94 -24.61
N ARG B 30 -1.57 11.26 -24.34
CA ARG B 30 -0.91 10.47 -25.38
C ARG B 30 -1.79 9.32 -25.85
N ALA B 31 -2.38 8.60 -24.91
CA ALA B 31 -3.26 7.48 -25.27
C ALA B 31 -4.47 7.94 -26.07
N LEU B 32 -4.93 9.18 -25.87
CA LEU B 32 -6.14 9.68 -26.51
C LEU B 32 -5.88 10.37 -27.84
N LYS B 33 -4.61 10.58 -28.18
CA LYS B 33 -4.28 11.24 -29.44
C LYS B 33 -4.90 10.61 -30.68
N PRO B 34 -4.94 9.27 -30.83
CA PRO B 34 -5.64 8.69 -31.99
C PRO B 34 -7.15 8.90 -31.99
N PHE B 35 -7.72 9.51 -30.96
CA PHE B 35 -9.17 9.69 -30.86
C PHE B 35 -9.52 11.16 -30.68
N LYS B 36 -10.77 11.50 -30.97
CA LYS B 36 -11.27 12.84 -30.68
C LYS B 36 -11.83 12.86 -29.26
N PHE B 37 -11.43 13.86 -28.48
CA PHE B 37 -11.77 13.90 -27.07
C PHE B 37 -11.92 15.33 -26.62
N HIS B 38 -12.66 15.51 -25.53
CA HIS B 38 -12.79 16.80 -24.88
C HIS B 38 -13.08 16.57 -23.41
N THR B 39 -12.91 17.63 -22.63
CA THR B 39 -13.32 17.59 -21.22
C THR B 39 -14.81 17.36 -21.14
N ALA B 40 -15.21 16.43 -20.27
CA ALA B 40 -16.62 16.10 -20.13
C ALA B 40 -17.38 17.24 -19.46
N ASP B 41 -18.50 17.62 -20.07
CA ASP B 41 -19.44 18.55 -19.43
C ASP B 41 -20.78 17.86 -19.29
N ARG B 42 -21.50 17.79 -20.42
CA ARG B 42 -22.77 17.09 -20.52
C ARG B 42 -22.44 15.86 -21.38
N VAL B 43 -22.91 14.67 -20.98
CA VAL B 43 -22.55 13.46 -21.72
C VAL B 43 -23.80 12.66 -21.96
N ASP B 44 -23.78 11.93 -23.07
CA ASP B 44 -24.85 11.05 -23.54
C ASP B 44 -24.18 9.79 -24.07
N PRO B 45 -24.51 8.60 -23.54
CA PRO B 45 -23.85 7.38 -24.03
C PRO B 45 -24.03 7.14 -25.52
N GLN B 46 -25.06 7.75 -26.12
CA GLN B 46 -25.26 7.65 -27.57
C GLN B 46 -24.12 8.29 -28.34
N TYR B 47 -23.48 9.31 -27.77
CA TYR B 47 -22.48 10.10 -28.49
C TYR B 47 -21.15 10.21 -27.77
N HIS B 48 -21.08 9.88 -26.49
CA HIS B 48 -19.88 10.07 -25.69
C HIS B 48 -19.50 8.78 -25.00
N TYR B 49 -18.19 8.52 -24.95
CA TYR B 49 -17.60 7.51 -24.10
C TYR B 49 -16.86 8.23 -22.99
N VAL B 50 -17.23 7.96 -21.74
CA VAL B 50 -16.66 8.68 -20.61
C VAL B 50 -15.43 7.95 -20.11
N VAL B 51 -14.31 8.65 -20.03
CA VAL B 51 -13.09 8.12 -19.45
C VAL B 51 -12.83 8.91 -18.17
N ALA B 52 -12.97 8.24 -17.03
CA ALA B 52 -12.51 8.80 -15.76
C ALA B 52 -11.02 8.54 -15.62
N VAL B 53 -10.28 9.54 -15.14
CA VAL B 53 -8.84 9.38 -15.09
C VAL B 53 -8.42 8.55 -13.90
N THR B 54 -8.84 8.92 -12.69
CA THR B 54 -8.53 8.20 -11.47
C THR B 54 -9.77 7.51 -10.95
N ASP B 55 -9.55 6.58 -10.01
CA ASP B 55 -10.69 5.94 -9.36
C ASP B 55 -11.53 6.96 -8.60
N ASP B 56 -10.89 8.00 -8.08
CA ASP B 56 -11.62 9.10 -7.44
C ASP B 56 -12.55 9.77 -8.43
N ASP B 57 -12.07 10.02 -9.66
CA ASP B 57 -12.91 10.61 -10.69
C ASP B 57 -14.11 9.72 -11.00
N LEU B 58 -13.89 8.41 -11.08
CA LEU B 58 -14.98 7.49 -11.38
C LEU B 58 -16.04 7.52 -10.29
N THR B 59 -15.62 7.62 -9.03
CA THR B 59 -16.58 7.72 -7.94
C THR B 59 -17.46 8.96 -8.11
N ASP B 60 -16.85 10.08 -8.50
CA ASP B 60 -17.63 11.28 -8.76
C ASP B 60 -18.57 11.09 -9.94
N PHE B 61 -18.08 10.47 -11.02
CA PHE B 61 -18.93 10.27 -12.19
C PHE B 61 -20.15 9.42 -11.87
N LEU B 62 -19.94 8.27 -11.21
CA LEU B 62 -21.06 7.37 -10.95
C LEU B 62 -22.02 7.93 -9.92
N SER B 63 -21.61 8.95 -9.17
CA SER B 63 -22.52 9.67 -8.29
C SER B 63 -23.28 10.77 -9.02
N ASP B 64 -22.88 11.11 -10.25
CA ASP B 64 -23.57 12.11 -11.03
C ASP B 64 -24.76 11.50 -11.76
N GLU B 65 -25.80 12.32 -11.97
CA GLU B 65 -27.03 11.82 -12.59
C GLU B 65 -26.78 11.36 -14.02
N GLN B 66 -25.87 12.01 -14.73
CA GLN B 66 -25.59 11.66 -16.12
C GLN B 66 -25.05 10.25 -16.30
N SER B 67 -24.62 9.56 -15.23
CA SER B 67 -23.96 8.28 -15.38
C SER B 67 -24.92 7.10 -15.42
N LYS B 68 -26.14 7.26 -14.92
CA LYS B 68 -27.00 6.09 -14.71
C LYS B 68 -27.41 5.40 -16.00
N SER B 69 -27.23 6.04 -17.15
CA SER B 69 -27.47 5.41 -18.44
C SER B 69 -26.21 4.84 -19.06
N PHE B 70 -25.08 4.89 -18.36
CA PHE B 70 -23.79 4.45 -18.87
C PHE B 70 -23.50 3.05 -18.35
N GLN B 71 -23.03 2.18 -19.24
CA GLN B 71 -22.68 0.81 -18.91
C GLN B 71 -21.16 0.67 -18.78
N TYR B 72 -20.73 -0.06 -17.77
CA TYR B 72 -19.31 -0.29 -17.53
C TYR B 72 -18.63 -0.89 -18.77
N ALA B 73 -17.42 -0.40 -19.06
CA ALA B 73 -16.60 -0.85 -20.19
C ALA B 73 -17.22 -0.46 -21.53
N ASN B 74 -18.50 -0.75 -21.72
CA ASN B 74 -19.18 -0.41 -22.97
C ASN B 74 -19.20 1.10 -23.19
N ASP B 75 -19.41 1.87 -22.13
CA ASP B 75 -19.60 3.31 -22.23
C ASP B 75 -18.66 4.12 -21.36
N TYR B 76 -18.04 3.53 -20.33
CA TYR B 76 -17.11 4.26 -19.50
C TYR B 76 -16.03 3.32 -18.98
N LEU B 77 -14.92 3.93 -18.58
CA LEU B 77 -13.81 3.17 -18.03
C LEU B 77 -12.95 4.14 -17.24
N THR B 78 -12.16 3.58 -16.31
CA THR B 78 -11.17 4.35 -15.59
C THR B 78 -9.80 4.12 -16.21
N PHE B 79 -9.08 5.21 -16.45
CA PHE B 79 -7.74 5.11 -17.02
C PHE B 79 -6.75 4.58 -15.99
N ASP B 80 -6.88 5.00 -14.73
CA ASP B 80 -6.02 4.59 -13.61
C ASP B 80 -6.38 3.19 -13.10
N ASP B 81 -6.39 2.20 -14.00
CA ASP B 81 -6.91 0.90 -13.58
C ASP B 81 -6.50 -0.24 -14.49
N GLU B 82 -5.20 -0.44 -14.68
CA GLU B 82 -4.73 -1.49 -15.58
C GLU B 82 -5.02 -2.89 -15.03
N GLY B 83 -5.24 -3.04 -13.73
CA GLY B 83 -5.62 -4.31 -13.16
C GLY B 83 -7.11 -4.58 -13.11
N GLY B 84 -7.94 -3.67 -13.63
CA GLY B 84 -9.39 -3.81 -13.47
C GLY B 84 -9.99 -4.83 -14.41
N GLU B 85 -11.08 -5.45 -13.95
CA GLU B 85 -11.75 -6.49 -14.74
C GLU B 85 -12.34 -5.91 -16.02
N LEU B 86 -12.43 -6.78 -17.03
CA LEU B 86 -13.10 -6.50 -18.29
C LEU B 86 -13.94 -7.72 -18.65
N PRO B 87 -15.07 -7.52 -19.36
CA PRO B 87 -15.89 -8.66 -19.76
C PRO B 87 -15.28 -9.49 -20.88
N PHE B 88 -14.12 -9.12 -21.41
CA PHE B 88 -13.48 -9.92 -22.45
C PHE B 88 -12.02 -10.16 -22.08
N GLU B 89 -11.43 -11.13 -22.77
CA GLU B 89 -10.01 -11.43 -22.58
C GLU B 89 -9.16 -10.25 -23.08
N ARG B 90 -8.18 -9.85 -22.26
CA ARG B 90 -7.35 -8.69 -22.54
C ARG B 90 -5.88 -9.07 -22.35
N MSE B 91 -5.00 -8.14 -22.71
CA MSE B 91 -3.58 -8.24 -22.35
C MSE B 91 -3.15 -7.12 -21.43
O MSE B 91 -3.54 -5.97 -21.60
CB MSE B 91 -2.68 -8.24 -23.60
CG MSE B 91 -3.24 -8.96 -24.79
SE MSE B 91 -2.95 -10.86 -24.63
CE MSE B 91 -1.04 -10.97 -24.68
N CYS B 92 -2.32 -7.48 -20.45
CA CYS B 92 -1.68 -6.52 -19.54
C CYS B 92 -0.17 -6.65 -19.78
N PHE B 93 0.40 -5.71 -20.54
CA PHE B 93 1.79 -5.79 -20.99
C PHE B 93 2.08 -7.11 -21.70
N ASN B 94 1.18 -7.47 -22.63
CA ASN B 94 1.26 -8.73 -23.38
C ASN B 94 1.29 -9.95 -22.46
N VAL B 95 0.56 -9.89 -21.36
CA VAL B 95 0.22 -11.06 -20.57
C VAL B 95 -1.28 -11.32 -20.76
N PRO B 96 -1.69 -12.50 -21.22
CA PRO B 96 -3.13 -12.77 -21.36
C PRO B 96 -3.82 -12.77 -20.00
N VAL B 97 -4.99 -12.14 -19.95
CA VAL B 97 -5.79 -12.07 -18.72
C VAL B 97 -7.23 -12.39 -19.08
N GLY B 98 -7.84 -13.33 -18.34
CA GLY B 98 -9.17 -13.81 -18.64
C GLY B 98 -10.28 -12.82 -18.25
N ARG B 99 -11.50 -13.22 -18.58
CA ARG B 99 -12.67 -12.38 -18.29
C ARG B 99 -12.91 -12.29 -16.79
N GLN B 100 -13.39 -11.11 -16.35
CA GLN B 100 -13.79 -10.88 -14.96
C GLN B 100 -12.68 -11.26 -13.98
N THR B 101 -11.45 -10.92 -14.35
CA THR B 101 -10.28 -11.13 -13.51
C THR B 101 -9.68 -9.77 -13.17
N TYR B 102 -9.39 -9.54 -11.89
CA TYR B 102 -8.87 -8.25 -11.44
C TYR B 102 -7.69 -8.45 -10.49
N PHE B 103 -6.87 -7.42 -10.40
CA PHE B 103 -5.70 -7.43 -9.51
C PHE B 103 -5.20 -6.00 -9.34
N GLY B 104 -4.23 -5.84 -8.45
CA GLY B 104 -3.73 -4.54 -8.07
C GLY B 104 -2.43 -4.17 -8.77
N ASP B 105 -1.85 -3.04 -8.31
CA ASP B 105 -0.66 -2.51 -8.96
C ASP B 105 0.56 -3.39 -8.77
N GLY B 106 0.59 -4.17 -7.69
CA GLY B 106 1.69 -5.08 -7.48
C GLY B 106 1.74 -6.18 -8.52
N VAL B 107 0.58 -6.59 -9.04
CA VAL B 107 0.55 -7.61 -10.07
C VAL B 107 0.72 -7.02 -11.46
N VAL B 108 0.21 -5.81 -11.68
CA VAL B 108 0.51 -5.10 -12.93
C VAL B 108 2.02 -4.99 -13.13
N GLY B 109 2.73 -4.58 -12.09
CA GLY B 109 4.19 -4.50 -12.17
C GLY B 109 4.82 -5.83 -12.51
N ALA B 110 4.28 -6.92 -11.95
CA ALA B 110 4.83 -8.25 -12.22
C ALA B 110 4.64 -8.63 -13.69
N CYS B 111 3.51 -8.25 -14.28
CA CYS B 111 3.30 -8.45 -15.70
C CYS B 111 4.34 -7.68 -16.51
N GLU B 112 4.52 -6.40 -16.16
CA GLU B 112 5.54 -5.58 -16.81
C GLU B 112 6.92 -6.19 -16.68
N ASN B 113 7.25 -6.76 -15.52
CA ASN B 113 8.57 -7.32 -15.31
C ASN B 113 8.78 -8.65 -16.02
N GLY B 114 7.75 -9.25 -16.59
CA GLY B 114 7.89 -10.55 -17.20
C GLY B 114 7.74 -11.72 -16.25
N TYR B 115 7.27 -11.51 -15.03
CA TYR B 115 7.18 -12.58 -14.06
C TYR B 115 5.97 -13.49 -14.26
N ILE B 116 5.00 -13.07 -15.06
CA ILE B 116 3.72 -13.77 -15.19
C ILE B 116 3.51 -14.16 -16.65
N LYS B 117 3.14 -15.41 -16.88
CA LYS B 117 2.86 -15.90 -18.21
C LYS B 117 1.41 -15.62 -18.62
N SER B 118 0.45 -15.89 -17.73
CA SER B 118 -0.95 -15.68 -18.02
C SER B 118 -1.73 -15.74 -16.72
N ILE B 119 -2.92 -15.12 -16.75
CA ILE B 119 -3.86 -15.14 -15.64
C ILE B 119 -5.22 -15.58 -16.18
N GLY B 120 -5.86 -16.51 -15.49
CA GLY B 120 -7.05 -17.18 -16.00
C GLY B 120 -8.32 -16.35 -15.87
N GLN B 121 -9.44 -17.04 -16.04
CA GLN B 121 -10.76 -16.40 -15.99
C GLN B 121 -11.31 -16.43 -14.57
N PHE B 122 -12.06 -15.38 -14.23
CA PHE B 122 -12.82 -15.31 -12.97
C PHE B 122 -11.90 -15.46 -11.76
N THR B 123 -10.75 -14.80 -11.81
CA THR B 123 -9.75 -14.88 -10.76
C THR B 123 -9.72 -13.56 -9.98
N SER B 124 -9.65 -13.67 -8.65
CA SER B 124 -9.81 -12.52 -7.76
C SER B 124 -8.53 -12.32 -6.95
N ILE B 125 -7.79 -11.27 -7.24
CA ILE B 125 -6.53 -11.00 -6.58
C ILE B 125 -6.64 -9.66 -5.86
N ASN B 126 -6.49 -9.69 -4.54
CA ASN B 126 -6.57 -8.49 -3.73
C ASN B 126 -5.53 -7.47 -4.17
N GLY B 127 -5.86 -6.19 -3.98
CA GLY B 127 -5.02 -5.10 -4.46
C GLY B 127 -3.66 -4.99 -3.79
N THR B 128 -3.50 -5.56 -2.60
CA THR B 128 -2.22 -5.47 -1.89
C THR B 128 -1.35 -6.72 -2.05
N ALA B 129 -1.79 -7.70 -2.84
CA ALA B 129 -0.96 -8.84 -3.16
C ALA B 129 0.23 -8.39 -4.01
N GLU B 130 1.37 -9.06 -3.80
CA GLU B 130 2.62 -8.68 -4.44
C GLU B 130 3.29 -9.91 -5.03
N ILE B 131 3.95 -9.71 -6.16
CA ILE B 131 4.68 -10.77 -6.84
C ILE B 131 6.06 -10.23 -7.18
N HIS B 132 7.11 -10.87 -6.66
CA HIS B 132 8.47 -10.45 -6.96
C HIS B 132 9.37 -11.67 -6.96
N ALA B 133 10.55 -11.49 -7.54
CA ALA B 133 11.59 -12.51 -7.58
C ALA B 133 12.70 -12.16 -6.59
N ASN B 134 13.61 -13.11 -6.41
CA ASN B 134 14.73 -12.94 -5.49
C ASN B 134 15.93 -12.32 -6.20
N HIS B 135 16.71 -11.56 -5.43
CA HIS B 135 18.06 -11.20 -5.83
C HIS B 135 18.94 -12.45 -5.80
N GLN B 136 20.13 -12.34 -6.38
CA GLN B 136 21.08 -13.45 -6.32
C GLN B 136 21.53 -13.66 -4.88
N LEU B 137 21.68 -14.93 -4.49
CA LEU B 137 22.11 -15.31 -3.16
C LEU B 137 23.40 -16.10 -3.14
N ASN B 138 24.02 -16.34 -4.30
CA ASN B 138 25.27 -17.08 -4.39
C ASN B 138 26.45 -16.17 -4.71
N MSE B 139 26.33 -14.89 -4.40
CA MSE B 139 27.41 -13.96 -4.66
C MSE B 139 27.76 -13.25 -3.37
O MSE B 139 27.09 -13.40 -2.37
CB MSE B 139 26.97 -12.97 -5.74
CG MSE B 139 26.91 -13.57 -7.14
SE MSE B 139 26.62 -12.16 -8.45
CE MSE B 139 25.36 -12.97 -9.66
N THR B 140 28.85 -12.46 -3.39
CA THR B 140 29.26 -11.73 -2.19
C THR B 140 28.26 -10.62 -1.83
N PHE B 141 27.52 -10.11 -2.81
CA PHE B 141 26.55 -9.06 -2.61
C PHE B 141 25.16 -9.55 -2.99
N VAL B 142 24.13 -8.98 -2.34
CA VAL B 142 22.74 -9.20 -2.74
C VAL B 142 22.17 -8.03 -3.53
N SER B 143 22.82 -6.87 -3.49
CA SER B 143 22.31 -5.69 -4.19
C SER B 143 22.11 -5.97 -5.67
N ASP B 144 21.08 -5.33 -6.24
CA ASP B 144 20.93 -5.29 -7.69
C ASP B 144 21.47 -4.01 -8.30
N ASP B 145 21.28 -2.85 -7.65
CA ASP B 145 21.67 -1.57 -8.22
C ASP B 145 23.19 -1.35 -8.25
N ILE B 146 23.98 -2.26 -7.68
CA ILE B 146 25.43 -2.18 -7.85
C ILE B 146 25.79 -2.32 -9.32
N GLN B 147 24.96 -3.02 -10.10
CA GLN B 147 25.23 -3.21 -11.52
C GLN B 147 25.18 -1.88 -12.29
N ASN B 148 24.59 -0.84 -11.71
CA ASN B 148 24.66 0.49 -12.34
C ASN B 148 26.08 1.01 -12.39
N PHE B 149 26.98 0.49 -11.54
CA PHE B 149 28.38 0.85 -11.57
C PHE B 149 29.22 -0.12 -12.38
N PHE B 150 28.69 -1.28 -12.73
CA PHE B 150 29.47 -2.26 -13.47
C PHE B 150 29.82 -1.71 -14.85
N ASN B 151 31.10 -1.71 -15.18
CA ASN B 151 31.44 -1.36 -16.55
C ASN B 151 30.95 -2.44 -17.50
N GLU B 152 31.28 -2.27 -18.76
CA GLU B 152 30.77 -3.17 -19.78
C GLU B 152 31.20 -4.61 -19.54
N GLU B 153 32.45 -4.83 -19.14
CA GLU B 153 32.94 -6.20 -18.99
C GLU B 153 32.46 -6.85 -17.69
N SER B 154 32.40 -6.08 -16.61
CA SER B 154 31.87 -6.60 -15.35
C SER B 154 30.40 -6.98 -15.49
N MSE B 155 29.65 -6.29 -16.32
CA MSE B 155 28.25 -6.60 -16.55
C MSE B 155 28.12 -7.99 -17.20
O MSE B 155 27.20 -8.75 -16.90
CB MSE B 155 27.59 -5.53 -17.43
CG MSE B 155 26.07 -5.65 -17.60
SE MSE B 155 25.05 -5.96 -15.94
CE MSE B 155 24.28 -4.20 -15.75
N ALA B 156 29.07 -8.30 -18.08
CA ALA B 156 29.04 -9.56 -18.82
C ALA B 156 29.20 -10.75 -17.90
N VAL B 157 30.21 -10.71 -17.03
CA VAL B 157 30.40 -11.83 -16.11
C VAL B 157 29.30 -11.88 -15.06
N PHE B 158 28.73 -10.73 -14.70
CA PHE B 158 27.62 -10.71 -13.75
C PHE B 158 26.39 -11.40 -14.33
N GLN B 159 26.01 -11.05 -15.56
CA GLN B 159 24.84 -11.67 -16.18
C GLN B 159 25.08 -13.15 -16.45
N GLU B 160 26.32 -13.54 -16.73
CA GLU B 160 26.61 -14.94 -17.03
C GLU B 160 26.38 -15.83 -15.81
N LYS B 161 26.76 -15.36 -14.63
CA LYS B 161 26.52 -16.17 -13.44
C LYS B 161 25.04 -16.18 -13.06
N LEU B 162 24.33 -15.08 -13.32
CA LEU B 162 22.88 -15.04 -13.10
C LEU B 162 22.16 -16.11 -13.92
N ARG B 163 22.54 -16.27 -15.20
CA ARG B 163 21.80 -17.17 -16.07
C ARG B 163 22.00 -18.63 -15.70
N LYS B 164 23.13 -18.97 -15.12
CA LYS B 164 23.44 -20.36 -14.76
C LYS B 164 23.01 -20.69 -13.34
N ASP B 165 22.29 -19.80 -12.68
CA ASP B 165 21.95 -19.93 -11.27
C ASP B 165 20.69 -20.76 -11.10
N PRO B 166 20.72 -21.90 -10.41
CA PRO B 166 19.52 -22.75 -10.34
C PRO B 166 18.41 -22.19 -9.45
N LYS B 167 18.68 -21.21 -8.60
CA LYS B 167 17.61 -20.62 -7.79
C LYS B 167 16.88 -19.49 -8.52
N HIS B 168 17.24 -19.22 -9.78
CA HIS B 168 16.54 -18.29 -10.66
C HIS B 168 16.42 -16.88 -10.10
N PRO B 169 17.53 -16.18 -9.84
CA PRO B 169 17.41 -14.79 -9.41
C PRO B 169 16.82 -13.94 -10.53
N TYR B 170 15.95 -13.00 -10.14
CA TYR B 170 15.26 -12.12 -11.08
C TYR B 170 14.47 -12.93 -12.11
N ALA B 171 14.05 -14.14 -11.72
CA ALA B 171 13.31 -15.08 -12.56
C ALA B 171 14.09 -15.51 -13.80
N TYR B 172 15.42 -15.42 -13.75
CA TYR B 172 16.24 -15.89 -14.86
C TYR B 172 16.08 -17.39 -15.06
N SER B 173 16.15 -17.81 -16.32
CA SER B 173 16.25 -19.23 -16.68
C SER B 173 15.11 -20.06 -16.09
N LYS B 174 13.93 -19.46 -16.01
CA LYS B 174 12.74 -20.19 -15.61
C LYS B 174 11.55 -19.67 -16.40
N GLU B 175 10.51 -20.47 -16.40
CA GLU B 175 9.28 -20.10 -17.06
C GLU B 175 8.50 -19.10 -16.20
N PRO B 176 7.94 -18.06 -16.81
CA PRO B 176 7.04 -17.19 -16.05
C PRO B 176 5.85 -17.99 -15.53
N MSE B 177 5.29 -17.54 -14.42
CA MSE B 177 4.27 -18.33 -13.72
C MSE B 177 2.89 -18.20 -14.37
O MSE B 177 2.51 -17.16 -14.90
CB MSE B 177 4.19 -17.90 -12.24
CG MSE B 177 3.33 -16.68 -11.98
SE MSE B 177 3.16 -16.25 -10.08
CE MSE B 177 5.05 -15.94 -9.69
N THR B 178 2.15 -19.31 -14.32
CA THR B 178 0.77 -19.35 -14.78
C THR B 178 -0.14 -19.26 -13.56
N ILE B 179 -1.03 -18.28 -13.54
CA ILE B 179 -2.06 -18.16 -12.52
C ILE B 179 -3.37 -18.62 -13.14
N GLY B 180 -4.02 -19.57 -12.47
CA GLY B 180 -5.14 -20.26 -13.09
C GLY B 180 -6.45 -19.50 -12.98
N SER B 181 -7.51 -20.19 -13.38
CA SER B 181 -8.87 -19.66 -13.32
C SER B 181 -9.51 -19.97 -11.97
N ASP B 182 -10.55 -19.20 -11.66
CA ASP B 182 -11.29 -19.33 -10.40
C ASP B 182 -10.33 -19.34 -9.21
N VAL B 183 -9.31 -18.50 -9.28
CA VAL B 183 -8.30 -18.38 -8.22
C VAL B 183 -8.68 -17.22 -7.31
N TYR B 184 -8.42 -17.39 -6.02
CA TYR B 184 -8.60 -16.32 -5.03
C TYR B 184 -7.28 -16.05 -4.31
N ILE B 185 -6.86 -14.79 -4.29
CA ILE B 185 -5.62 -14.40 -3.59
C ILE B 185 -5.95 -13.24 -2.64
N GLY B 186 -5.61 -13.40 -1.37
CA GLY B 186 -6.03 -12.48 -0.32
C GLY B 186 -5.10 -11.29 -0.11
N ALA B 187 -5.42 -10.52 0.93
CA ALA B 187 -4.74 -9.26 1.20
C ALA B 187 -3.32 -9.49 1.69
N HIS B 188 -2.39 -8.67 1.17
CA HIS B 188 -0.99 -8.69 1.59
C HIS B 188 -0.35 -10.06 1.40
N ALA B 189 -0.86 -10.83 0.44
CA ALA B 189 -0.24 -12.08 0.07
C ALA B 189 0.98 -11.81 -0.81
N PHE B 190 1.90 -12.76 -0.81
CA PHE B 190 3.12 -12.63 -1.58
C PHE B 190 3.42 -13.96 -2.26
N ILE B 191 3.80 -13.90 -3.54
CA ILE B 191 4.18 -15.07 -4.32
C ILE B 191 5.58 -14.84 -4.87
N ASN B 192 6.48 -15.81 -4.65
CA ASN B 192 7.87 -15.67 -5.05
C ASN B 192 8.05 -16.07 -6.51
N ALA B 193 8.34 -15.09 -7.37
CA ALA B 193 8.50 -15.36 -8.79
C ALA B 193 9.73 -16.19 -9.12
N SER B 194 10.67 -16.34 -8.19
CA SER B 194 11.87 -17.14 -8.47
C SER B 194 11.61 -18.63 -8.32
N THR B 195 10.66 -19.02 -7.49
CA THR B 195 10.44 -20.42 -7.18
C THR B 195 9.07 -20.93 -7.58
N VAL B 196 8.14 -20.05 -7.97
CA VAL B 196 6.77 -20.43 -8.27
C VAL B 196 6.55 -20.32 -9.77
N THR B 197 6.13 -21.43 -10.38
CA THR B 197 5.73 -21.42 -11.79
C THR B 197 4.25 -21.62 -12.01
N SER B 198 3.50 -22.03 -10.99
CA SER B 198 2.09 -22.35 -11.21
C SER B 198 1.27 -22.12 -9.95
N ILE B 199 0.21 -21.31 -10.09
CA ILE B 199 -0.89 -21.27 -9.14
C ILE B 199 -2.06 -21.94 -9.83
N GLY B 200 -2.43 -23.13 -9.35
CA GLY B 200 -3.36 -23.97 -10.09
C GLY B 200 -4.77 -23.42 -10.10
N ASP B 201 -5.56 -23.92 -11.05
CA ASP B 201 -6.97 -23.52 -11.16
C ASP B 201 -7.68 -23.74 -9.83
N GLY B 202 -8.48 -22.76 -9.42
CA GLY B 202 -9.30 -22.91 -8.24
C GLY B 202 -8.58 -22.74 -6.92
N ALA B 203 -7.30 -22.42 -6.94
CA ALA B 203 -6.53 -22.34 -5.70
C ALA B 203 -6.93 -21.12 -4.88
N ILE B 204 -6.86 -21.26 -3.56
CA ILE B 204 -7.15 -20.17 -2.64
C ILE B 204 -5.87 -19.88 -1.86
N ILE B 205 -5.43 -18.63 -1.92
CA ILE B 205 -4.26 -18.17 -1.18
C ILE B 205 -4.77 -17.18 -0.15
N GLY B 206 -4.63 -17.54 1.13
CA GLY B 206 -5.23 -16.76 2.18
C GLY B 206 -4.51 -15.44 2.42
N SER B 207 -5.16 -14.59 3.21
CA SER B 207 -4.57 -13.30 3.55
C SER B 207 -3.26 -13.48 4.31
N GLY B 208 -2.26 -12.70 3.93
CA GLY B 208 -0.96 -12.73 4.57
C GLY B 208 -0.08 -13.90 4.21
N ALA B 209 -0.51 -14.77 3.31
CA ALA B 209 0.25 -15.97 2.99
C ALA B 209 1.49 -15.64 2.17
N VAL B 210 2.59 -16.31 2.47
CA VAL B 210 3.86 -16.11 1.77
C VAL B 210 4.13 -17.38 0.97
N VAL B 211 3.86 -17.32 -0.33
CA VAL B 211 3.83 -18.50 -1.19
C VAL B 211 5.20 -18.69 -1.81
N LEU B 212 5.89 -19.77 -1.44
CA LEU B 212 7.25 -20.04 -1.89
C LEU B 212 7.36 -21.18 -2.88
N GLU B 213 6.28 -21.94 -3.13
CA GLU B 213 6.34 -22.99 -4.12
C GLU B 213 4.95 -23.14 -4.75
N ASN B 214 4.86 -24.03 -5.74
CA ASN B 214 3.66 -24.12 -6.55
C ASN B 214 2.45 -24.53 -5.72
N VAL B 215 1.29 -23.99 -6.06
CA VAL B 215 0.02 -24.26 -5.40
C VAL B 215 -0.79 -25.17 -6.30
N PRO B 216 -1.11 -26.40 -5.88
CA PRO B 216 -1.84 -27.32 -6.76
C PRO B 216 -3.26 -26.80 -7.00
N PRO B 217 -3.93 -27.30 -8.04
CA PRO B 217 -5.32 -26.91 -8.29
C PRO B 217 -6.21 -27.15 -7.08
N PHE B 218 -7.00 -26.14 -6.73
CA PHE B 218 -8.05 -26.20 -5.70
C PHE B 218 -7.50 -26.44 -4.30
N ALA B 219 -6.21 -26.22 -4.09
CA ALA B 219 -5.64 -26.22 -2.75
C ALA B 219 -5.87 -24.88 -2.05
N VAL B 220 -6.04 -24.94 -0.73
CA VAL B 220 -6.17 -23.76 0.12
C VAL B 220 -4.89 -23.64 0.93
N VAL B 221 -4.13 -22.55 0.72
CA VAL B 221 -2.85 -22.37 1.39
C VAL B 221 -2.89 -21.10 2.23
N VAL B 222 -2.34 -21.18 3.45
CA VAL B 222 -2.27 -20.06 4.38
C VAL B 222 -0.95 -20.13 5.15
N GLY B 223 -0.58 -19.01 5.76
CA GLY B 223 0.53 -18.97 6.69
C GLY B 223 1.78 -18.36 6.09
N VAL B 224 2.76 -18.14 6.97
CA VAL B 224 4.04 -17.56 6.65
C VAL B 224 5.13 -18.54 7.09
N PRO B 225 5.65 -19.37 6.17
CA PRO B 225 5.30 -19.46 4.75
C PRO B 225 4.01 -20.25 4.52
N ALA B 226 3.46 -20.18 3.32
CA ALA B 226 2.19 -20.82 3.03
C ALA B 226 2.32 -22.34 3.03
N ARG B 227 1.36 -23.01 3.66
CA ARG B 227 1.25 -24.45 3.66
C ARG B 227 -0.16 -24.85 3.29
N ILE B 228 -0.31 -26.04 2.70
CA ILE B 228 -1.61 -26.50 2.25
C ILE B 228 -2.44 -26.87 3.47
N LYS B 229 -3.58 -26.20 3.64
CA LYS B 229 -4.48 -26.51 4.74
C LYS B 229 -5.53 -27.55 4.36
N ARG B 230 -6.08 -27.44 3.15
CA ARG B 230 -7.12 -28.35 2.69
C ARG B 230 -7.30 -28.11 1.20
N TYR B 231 -8.11 -28.98 0.58
CA TYR B 231 -8.56 -28.80 -0.79
C TYR B 231 -10.04 -28.46 -0.80
N ARG B 232 -10.46 -27.70 -1.81
CA ARG B 232 -11.86 -27.29 -1.90
C ARG B 232 -12.80 -28.46 -2.16
N PHE B 233 -12.34 -29.49 -2.87
CA PHE B 233 -13.20 -30.59 -3.28
C PHE B 233 -12.44 -31.90 -3.20
N SER B 234 -13.17 -33.00 -3.37
CA SER B 234 -12.57 -34.31 -3.53
C SER B 234 -11.68 -34.35 -4.77
N LYS B 235 -10.79 -35.35 -4.80
CA LYS B 235 -9.89 -35.50 -5.94
C LYS B 235 -10.67 -35.75 -7.22
N GLU B 236 -11.69 -36.61 -7.17
CA GLU B 236 -12.47 -36.90 -8.37
C GLU B 236 -13.23 -35.68 -8.86
N MSE B 237 -13.74 -34.87 -7.94
CA MSE B 237 -14.34 -33.59 -8.30
C MSE B 237 -13.33 -32.67 -8.97
O MSE B 237 -13.65 -32.00 -9.95
CB MSE B 237 -14.91 -32.90 -7.07
CG MSE B 237 -15.61 -31.61 -7.41
SE MSE B 237 -17.38 -32.04 -7.94
CE MSE B 237 -17.70 -30.81 -9.33
N ILE B 238 -12.13 -32.63 -8.40
CA ILE B 238 -11.07 -31.77 -8.95
C ILE B 238 -10.75 -32.17 -10.37
N GLU B 239 -10.62 -33.47 -10.63
CA GLU B 239 -10.32 -33.94 -11.98
C GLU B 239 -11.46 -33.60 -12.94
N THR B 240 -12.70 -33.70 -12.47
CA THR B 240 -13.85 -33.36 -13.31
C THR B 240 -13.85 -31.89 -13.69
N LEU B 241 -13.60 -31.02 -12.71
CA LEU B 241 -13.53 -29.59 -12.97
C LEU B 241 -12.41 -29.28 -13.97
N LEU B 242 -11.23 -29.88 -13.80
CA LEU B 242 -10.12 -29.60 -14.71
C LEU B 242 -10.40 -30.11 -16.12
N ARG B 243 -11.29 -31.09 -16.28
CA ARG B 243 -11.64 -31.56 -17.61
C ARG B 243 -12.72 -30.68 -18.24
N VAL B 244 -13.73 -30.30 -17.46
CA VAL B 244 -14.88 -29.57 -18.00
C VAL B 244 -14.52 -28.12 -18.30
N LYS B 245 -13.77 -27.48 -17.39
CA LYS B 245 -13.33 -26.09 -17.56
C LYS B 245 -14.52 -25.15 -17.79
N TRP B 246 -15.40 -25.08 -16.77
CA TRP B 246 -16.53 -24.16 -16.85
C TRP B 246 -16.08 -22.72 -17.04
N TRP B 247 -14.86 -22.39 -16.59
CA TRP B 247 -14.38 -21.01 -16.69
C TRP B 247 -14.16 -20.55 -18.12
N ASP B 248 -14.19 -21.45 -19.09
CA ASP B 248 -14.13 -21.08 -20.49
C ASP B 248 -15.48 -21.15 -21.18
N TRP B 249 -16.56 -21.36 -20.42
CA TRP B 249 -17.90 -21.36 -21.01
C TRP B 249 -18.26 -19.97 -21.53
N SER B 250 -19.16 -19.95 -22.52
CA SER B 250 -19.73 -18.70 -22.98
C SER B 250 -20.64 -18.11 -21.91
N ILE B 251 -21.03 -16.84 -22.10
CA ILE B 251 -21.92 -16.18 -21.16
C ILE B 251 -23.26 -16.91 -21.10
N GLU B 252 -23.76 -17.35 -22.26
CA GLU B 252 -25.03 -18.06 -22.28
C GLU B 252 -24.93 -19.42 -21.58
N GLU B 253 -23.82 -20.12 -21.77
CA GLU B 253 -23.66 -21.41 -21.09
C GLU B 253 -23.55 -21.24 -19.59
N ILE B 254 -22.99 -20.11 -19.12
CA ILE B 254 -22.90 -19.89 -17.69
C ILE B 254 -24.28 -19.69 -17.08
N ASN B 255 -25.13 -18.91 -17.73
CA ASN B 255 -26.47 -18.69 -17.20
C ASN B 255 -27.33 -19.94 -17.32
N GLU B 256 -27.21 -20.66 -18.45
CA GLU B 256 -27.99 -21.88 -18.62
C GLU B 256 -27.62 -22.95 -17.60
N ASN B 257 -26.36 -22.98 -17.17
CA ASN B 257 -25.90 -23.99 -16.23
C ASN B 257 -25.61 -23.41 -14.85
N VAL B 258 -26.29 -22.32 -14.48
CA VAL B 258 -25.99 -21.63 -13.23
C VAL B 258 -26.26 -22.53 -12.03
N ASP B 259 -27.25 -23.43 -12.13
CA ASP B 259 -27.55 -24.29 -11.00
C ASP B 259 -26.42 -25.28 -10.74
N ALA B 260 -25.72 -25.73 -11.79
CA ALA B 260 -24.54 -26.56 -11.59
C ALA B 260 -23.38 -25.74 -11.05
N LEU B 261 -23.30 -24.46 -11.39
CA LEU B 261 -22.23 -23.63 -10.86
C LEU B 261 -22.46 -23.29 -9.40
N ILE B 262 -23.72 -23.22 -8.99
CA ILE B 262 -24.04 -22.89 -7.61
C ILE B 262 -24.02 -24.13 -6.72
N SER B 263 -24.32 -25.30 -7.26
CA SER B 263 -24.34 -26.53 -6.48
C SER B 263 -23.24 -27.48 -6.93
N PRO B 264 -22.19 -27.69 -6.11
CA PRO B 264 -21.15 -28.66 -6.51
C PRO B 264 -21.67 -30.06 -6.75
N GLU B 265 -22.65 -30.51 -5.95
CA GLU B 265 -23.19 -31.86 -6.11
C GLU B 265 -23.88 -32.02 -7.46
N LEU B 266 -24.67 -31.02 -7.86
CA LEU B 266 -25.30 -31.05 -9.17
C LEU B 266 -24.26 -31.06 -10.28
N PHE B 267 -23.16 -30.33 -10.09
CA PHE B 267 -22.10 -30.32 -11.10
C PHE B 267 -21.50 -31.71 -11.29
N MSE B 268 -21.18 -32.39 -10.19
CA MSE B 268 -20.58 -33.71 -10.27
C MSE B 268 -21.54 -34.71 -10.88
O MSE B 268 -21.16 -35.56 -11.68
CB MSE B 268 -20.11 -34.19 -8.89
CG MSE B 268 -19.08 -35.31 -8.94
SE MSE B 268 -17.56 -34.87 -10.04
CE MSE B 268 -16.70 -36.59 -10.10
N LYS B 269 -22.83 -34.59 -10.52
CA LYS B 269 -23.83 -35.49 -11.08
C LYS B 269 -24.02 -35.27 -12.57
N LYS B 270 -23.90 -34.04 -13.04
CA LYS B 270 -24.12 -33.73 -14.45
C LYS B 270 -22.89 -33.97 -15.31
N TYR B 271 -21.68 -33.79 -14.77
CA TYR B 271 -20.47 -33.88 -15.56
C TYR B 271 -19.48 -34.92 -15.08
N GLY B 272 -19.65 -35.47 -13.89
CA GLY B 272 -18.70 -36.43 -13.34
C GLY B 272 -18.49 -37.68 -14.17
N MSE C 1 14.20 21.52 4.73
CA MSE C 1 14.90 20.33 4.27
C MSE C 1 14.84 20.20 2.75
O MSE C 1 13.76 20.25 2.15
CB MSE C 1 14.31 19.08 4.91
CG MSE C 1 15.01 18.67 6.19
SE MSE C 1 13.88 17.69 7.43
CE MSE C 1 13.47 19.14 8.68
N LYS C 2 16.00 20.03 2.13
CA LYS C 2 16.05 19.89 0.67
C LYS C 2 15.49 18.55 0.25
N THR C 3 14.61 18.56 -0.75
CA THR C 3 14.14 17.32 -1.32
C THR C 3 15.22 16.67 -2.17
N ARG C 4 14.96 15.42 -2.55
CA ARG C 4 15.86 14.72 -3.46
C ARG C 4 16.06 15.51 -4.74
N LEU C 5 14.98 16.05 -5.31
CA LEU C 5 15.08 16.78 -6.57
C LEU C 5 15.97 18.01 -6.42
N GLU C 6 15.76 18.80 -5.36
CA GLU C 6 16.59 19.98 -5.13
C GLU C 6 18.06 19.61 -5.06
N GLN C 7 18.39 18.50 -4.40
CA GLN C 7 19.79 18.11 -4.29
C GLN C 7 20.37 17.77 -5.66
N VAL C 8 19.58 17.14 -6.53
CA VAL C 8 20.06 16.81 -7.86
C VAL C 8 20.09 18.04 -8.75
N LEU C 9 19.04 18.86 -8.69
CA LEU C 9 19.00 20.10 -9.47
C LEU C 9 20.17 20.98 -9.11
N GLU C 10 20.49 21.09 -7.82
CA GLU C 10 21.73 21.72 -7.42
C GLU C 10 22.85 21.14 -8.28
N ARG C 11 23.09 19.84 -8.14
CA ARG C 11 24.26 19.21 -8.75
C ARG C 11 24.35 19.43 -10.25
N TYR C 12 23.23 19.22 -10.98
CA TYR C 12 23.30 19.04 -12.42
C TYR C 12 22.59 20.08 -13.28
N LEU C 13 21.78 20.97 -12.71
CA LEU C 13 21.03 21.89 -13.56
C LEU C 13 21.96 22.76 -14.39
N ASN C 14 22.97 23.36 -13.74
CA ASN C 14 24.05 24.08 -14.41
C ASN C 14 23.53 25.13 -15.39
N GLY C 15 22.66 26.01 -14.89
CA GLY C 15 22.17 27.12 -15.67
C GLY C 15 21.09 26.77 -16.67
N ARG C 16 20.61 25.53 -16.71
CA ARG C 16 19.56 25.17 -17.63
C ARG C 16 18.19 25.56 -17.07
N GLU C 17 17.18 25.45 -17.91
CA GLU C 17 15.80 25.70 -17.53
C GLU C 17 15.12 24.38 -17.17
N VAL C 18 14.32 24.38 -16.11
CA VAL C 18 13.58 23.18 -15.71
C VAL C 18 12.34 23.04 -16.57
N ALA C 19 12.16 21.87 -17.17
CA ALA C 19 11.00 21.56 -17.99
C ALA C 19 10.13 20.56 -17.24
N VAL C 20 8.97 21.01 -16.78
CA VAL C 20 8.09 20.18 -15.97
C VAL C 20 7.24 19.33 -16.90
N TRP C 21 7.45 18.03 -16.85
CA TRP C 21 6.69 17.05 -17.63
C TRP C 21 5.62 16.50 -16.69
N GLY C 22 4.42 17.06 -16.74
CA GLY C 22 3.33 16.67 -15.87
C GLY C 22 2.69 17.87 -15.20
N VAL C 23 1.55 17.59 -14.57
CA VAL C 23 0.82 18.66 -13.88
C VAL C 23 1.52 18.95 -12.57
N PRO C 24 1.94 20.18 -12.33
CA PRO C 24 2.72 20.49 -11.12
C PRO C 24 1.86 20.48 -9.86
N THR C 25 2.52 20.23 -8.74
CA THR C 25 1.90 20.18 -7.42
C THR C 25 2.47 21.29 -6.56
N ARG C 26 1.79 21.56 -5.43
CA ARG C 26 2.27 22.58 -4.50
C ARG C 26 3.66 22.25 -3.98
N ARG C 27 3.91 20.99 -3.62
CA ARG C 27 5.23 20.61 -3.11
C ARG C 27 6.31 20.84 -4.16
N LEU C 28 6.01 20.56 -5.43
CA LEU C 28 6.99 20.77 -6.48
C LEU C 28 7.26 22.25 -6.71
N LEU C 29 6.21 23.09 -6.67
CA LEU C 29 6.41 24.51 -6.85
C LEU C 29 7.31 25.09 -5.76
N ARG C 30 7.06 24.71 -4.50
CA ARG C 30 7.93 25.16 -3.41
C ARG C 30 9.37 24.71 -3.64
N ALA C 31 9.57 23.52 -4.22
CA ALA C 31 10.93 23.05 -4.48
C ALA C 31 11.57 23.77 -5.66
N LEU C 32 10.77 24.25 -6.61
CA LEU C 32 11.28 24.91 -7.80
C LEU C 32 11.40 26.42 -7.64
N LYS C 33 11.27 26.93 -6.41
CA LYS C 33 11.34 28.38 -6.17
C LYS C 33 12.70 28.98 -6.52
N PRO C 34 13.83 28.37 -6.14
CA PRO C 34 15.12 28.97 -6.52
C PRO C 34 15.45 28.89 -7.99
N PHE C 35 14.71 28.10 -8.77
CA PHE C 35 15.03 27.86 -10.17
C PHE C 35 13.94 28.42 -11.09
N LYS C 36 14.29 28.56 -12.37
CA LYS C 36 13.35 28.98 -13.39
C LYS C 36 12.85 27.77 -14.16
N PHE C 37 11.53 27.73 -14.41
CA PHE C 37 10.90 26.55 -14.95
C PHE C 37 9.71 26.92 -15.82
N HIS C 38 9.34 26.00 -16.70
CA HIS C 38 8.14 26.13 -17.51
C HIS C 38 7.65 24.73 -17.83
N THR C 39 6.43 24.66 -18.39
CA THR C 39 5.89 23.40 -18.84
C THR C 39 6.73 22.84 -19.99
N ALA C 40 6.84 21.52 -20.03
CA ALA C 40 7.61 20.86 -21.08
C ALA C 40 6.81 20.83 -22.37
N ASP C 41 7.40 21.36 -23.44
CA ASP C 41 6.90 21.18 -24.80
C ASP C 41 7.98 20.49 -25.61
N ARG C 42 8.81 21.29 -26.29
CA ARG C 42 10.00 20.78 -26.94
CA ARG C 42 10.01 20.79 -26.95
C ARG C 42 11.18 20.95 -26.00
N VAL C 43 11.95 19.88 -25.80
CA VAL C 43 13.03 19.87 -24.82
C VAL C 43 14.33 19.42 -25.48
N ASP C 44 15.42 20.07 -25.09
CA ASP C 44 16.77 19.77 -25.54
C ASP C 44 17.64 19.69 -24.29
N PRO C 45 18.37 18.59 -24.07
CA PRO C 45 19.17 18.48 -22.83
C PRO C 45 20.23 19.56 -22.71
N GLN C 46 20.59 20.23 -23.80
CA GLN C 46 21.56 21.31 -23.72
C GLN C 46 20.98 22.58 -23.10
N TYR C 47 19.66 22.75 -23.15
CA TYR C 47 19.02 23.92 -22.56
C TYR C 47 17.99 23.58 -21.49
N HIS C 48 17.55 22.34 -21.38
CA HIS C 48 16.46 21.98 -20.48
C HIS C 48 16.86 20.83 -19.56
N TYR C 49 16.34 20.87 -18.34
CA TYR C 49 16.34 19.73 -17.43
C TYR C 49 14.89 19.35 -17.20
N VAL C 50 14.56 18.08 -17.44
CA VAL C 50 13.17 17.62 -17.39
C VAL C 50 12.89 17.03 -16.02
N VAL C 51 11.89 17.57 -15.35
CA VAL C 51 11.40 17.02 -14.10
C VAL C 51 10.04 16.39 -14.38
N ALA C 52 9.98 15.07 -14.32
CA ALA C 52 8.70 14.38 -14.33
C ALA C 52 8.10 14.46 -12.94
N VAL C 53 6.82 14.81 -12.86
CA VAL C 53 6.19 14.99 -11.55
C VAL C 53 5.96 13.64 -10.89
N THR C 54 5.29 12.74 -11.58
CA THR C 54 4.96 11.43 -11.05
C THR C 54 5.70 10.36 -11.84
N ASP C 55 5.74 9.15 -11.29
CA ASP C 55 6.37 8.04 -11.99
C ASP C 55 5.67 7.75 -13.32
N ASP C 56 4.37 8.03 -13.41
CA ASP C 56 3.70 7.80 -14.68
C ASP C 56 3.99 8.92 -15.68
N ASP C 57 4.26 10.13 -15.18
CA ASP C 57 4.80 11.16 -16.06
C ASP C 57 6.14 10.76 -16.63
N LEU C 58 6.94 10.01 -15.86
CA LEU C 58 8.28 9.64 -16.32
C LEU C 58 8.21 8.64 -17.46
N THR C 59 7.38 7.60 -17.33
CA THR C 59 7.32 6.61 -18.40
C THR C 59 6.66 7.20 -19.66
N ASP C 60 5.80 8.22 -19.51
CA ASP C 60 5.39 8.97 -20.68
C ASP C 60 6.57 9.70 -21.31
N PHE C 61 7.41 10.32 -20.47
CA PHE C 61 8.61 10.99 -20.98
C PHE C 61 9.54 10.00 -21.65
N LEU C 62 9.86 8.89 -20.96
CA LEU C 62 10.80 7.91 -21.49
C LEU C 62 10.27 7.22 -22.74
N SER C 63 8.96 7.25 -22.97
CA SER C 63 8.39 6.69 -24.20
C SER C 63 8.29 7.73 -25.30
N ASP C 64 8.68 8.97 -25.02
CA ASP C 64 8.68 10.02 -26.00
C ASP C 64 10.00 10.01 -26.76
N GLU C 65 10.00 10.48 -28.01
CA GLU C 65 11.21 10.56 -28.81
C GLU C 65 12.26 11.55 -28.26
N GLN C 66 11.86 12.58 -27.52
CA GLN C 66 12.85 13.51 -27.01
C GLN C 66 13.64 12.96 -25.84
N SER C 67 13.16 11.91 -25.19
CA SER C 67 13.92 11.31 -24.10
C SER C 67 15.23 10.68 -24.57
N LYS C 68 15.39 10.51 -25.89
CA LYS C 68 16.57 9.85 -26.46
C LYS C 68 17.87 10.37 -25.88
N SER C 69 17.97 11.67 -25.65
CA SER C 69 19.25 12.32 -25.38
C SER C 69 19.43 12.70 -23.92
N PHE C 70 18.49 12.32 -23.06
CA PHE C 70 18.51 12.69 -21.65
C PHE C 70 19.06 11.53 -20.84
N GLN C 71 20.00 11.83 -19.95
CA GLN C 71 20.57 10.84 -19.04
C GLN C 71 19.92 10.95 -17.67
N TYR C 72 19.69 9.80 -17.04
CA TYR C 72 19.13 9.76 -15.69
C TYR C 72 19.98 10.58 -14.74
N ALA C 73 19.30 11.40 -13.91
CA ALA C 73 19.89 12.28 -12.93
C ALA C 73 20.60 13.48 -13.57
N ASN C 74 21.48 13.25 -14.54
CA ASN C 74 22.20 14.35 -15.16
C ASN C 74 21.24 15.29 -15.88
N ASP C 75 20.20 14.75 -16.53
CA ASP C 75 19.30 15.54 -17.36
C ASP C 75 17.84 15.44 -16.96
N TYR C 76 17.43 14.43 -16.20
CA TYR C 76 16.04 14.30 -15.83
C TYR C 76 15.92 13.58 -14.50
N LEU C 77 14.74 13.67 -13.90
CA LEU C 77 14.46 13.06 -12.61
C LEU C 77 12.96 13.13 -12.36
N THR C 78 12.50 12.26 -11.47
CA THR C 78 11.11 12.23 -11.04
C THR C 78 11.00 12.91 -9.68
N PHE C 79 10.02 13.80 -9.54
CA PHE C 79 9.84 14.49 -8.26
C PHE C 79 9.28 13.55 -7.20
N ASP C 80 8.26 12.76 -7.55
CA ASP C 80 7.63 11.81 -6.63
C ASP C 80 8.43 10.52 -6.46
N ASP C 81 9.75 10.63 -6.36
CA ASP C 81 10.62 9.46 -6.26
C ASP C 81 11.65 9.68 -5.16
N GLU C 82 11.18 10.11 -3.98
CA GLU C 82 12.09 10.50 -2.91
C GLU C 82 12.95 9.34 -2.44
N GLY C 83 12.48 8.11 -2.63
CA GLY C 83 13.29 6.95 -2.31
C GLY C 83 14.07 6.38 -3.46
N GLY C 84 14.14 7.06 -4.59
CA GLY C 84 14.84 6.53 -5.73
C GLY C 84 16.35 6.56 -5.55
N GLU C 85 17.01 5.61 -6.22
CA GLU C 85 18.46 5.51 -6.09
C GLU C 85 19.17 6.69 -6.77
N LEU C 86 20.38 6.97 -6.30
CA LEU C 86 21.28 7.90 -6.92
C LEU C 86 22.68 7.33 -6.82
N PRO C 87 23.58 7.64 -7.76
CA PRO C 87 24.94 7.11 -7.71
C PRO C 87 25.86 7.80 -6.73
N PHE C 88 25.34 8.68 -5.88
CA PHE C 88 26.12 9.37 -4.87
C PHE C 88 25.26 9.52 -3.62
N GLU C 89 25.91 9.79 -2.49
CA GLU C 89 25.17 9.97 -1.24
C GLU C 89 24.20 11.14 -1.35
N ARG C 90 23.06 11.00 -0.69
CA ARG C 90 22.03 12.03 -0.65
C ARG C 90 21.44 12.11 0.76
N MSE C 91 20.60 13.10 0.98
CA MSE C 91 19.94 13.29 2.27
C MSE C 91 18.43 13.17 2.10
O MSE C 91 17.85 13.86 1.25
CB MSE C 91 20.28 14.67 2.82
CG MSE C 91 21.78 14.82 3.02
SE MSE C 91 22.36 13.68 4.51
CE MSE C 91 20.97 14.20 5.82
N CYS C 92 17.81 12.30 2.90
CA CYS C 92 16.37 12.09 2.86
C CYS C 92 15.85 12.62 4.18
N PHE C 93 15.28 13.82 4.17
CA PHE C 93 14.87 14.52 5.39
C PHE C 93 16.03 14.58 6.39
N ASN C 94 17.20 14.96 5.88
CA ASN C 94 18.44 15.02 6.67
C ASN C 94 18.83 13.66 7.26
N VAL C 95 18.48 12.57 6.60
CA VAL C 95 18.98 11.24 6.93
C VAL C 95 19.92 10.81 5.80
N PRO C 96 21.20 10.59 6.08
CA PRO C 96 22.13 10.17 5.01
C PRO C 96 21.72 8.83 4.39
N VAL C 97 21.85 8.75 3.07
CA VAL C 97 21.50 7.56 2.28
C VAL C 97 22.63 7.31 1.27
N GLY C 98 23.27 6.14 1.36
CA GLY C 98 24.40 5.84 0.50
C GLY C 98 24.02 5.59 -0.96
N ARG C 99 25.05 5.44 -1.80
CA ARG C 99 24.85 5.22 -3.23
C ARG C 99 24.02 3.98 -3.48
N GLN C 100 23.26 4.01 -4.58
CA GLN C 100 22.58 2.84 -5.14
C GLN C 100 21.67 2.17 -4.13
N THR C 101 21.08 2.98 -3.25
CA THR C 101 20.11 2.53 -2.26
C THR C 101 18.76 3.13 -2.60
N TYR C 102 17.71 2.33 -2.46
CA TYR C 102 16.35 2.79 -2.77
C TYR C 102 15.38 2.21 -1.77
N PHE C 103 14.24 2.88 -1.61
CA PHE C 103 13.20 2.46 -0.68
C PHE C 103 11.90 3.17 -1.07
N GLY C 104 10.83 2.84 -0.35
CA GLY C 104 9.52 3.38 -0.63
C GLY C 104 9.08 4.44 0.37
N ASP C 105 7.80 4.79 0.29
CA ASP C 105 7.31 5.93 1.07
C ASP C 105 7.19 5.61 2.55
N GLY C 106 7.11 4.33 2.93
CA GLY C 106 7.10 4.00 4.35
C GLY C 106 8.44 4.28 5.01
N VAL C 107 9.53 4.15 4.27
CA VAL C 107 10.83 4.49 4.81
C VAL C 107 11.07 5.99 4.75
N VAL C 108 10.57 6.65 3.70
CA VAL C 108 10.66 8.11 3.63
C VAL C 108 9.99 8.74 4.84
N GLY C 109 8.75 8.32 5.13
CA GLY C 109 8.07 8.79 6.32
C GLY C 109 8.81 8.48 7.61
N ALA C 110 9.52 7.35 7.65
CA ALA C 110 10.31 7.03 8.84
C ALA C 110 11.49 8.01 9.02
N CYS C 111 12.14 8.38 7.91
CA CYS C 111 13.19 9.40 8.00
C CYS C 111 12.62 10.72 8.49
N GLU C 112 11.45 11.10 7.95
CA GLU C 112 10.80 12.33 8.39
C GLU C 112 10.48 12.28 9.88
N ASN C 113 10.00 11.12 10.37
CA ASN C 113 9.66 10.96 11.77
C ASN C 113 10.86 10.88 12.70
N GLY C 114 12.09 10.83 12.17
CA GLY C 114 13.25 10.74 13.02
C GLY C 114 13.62 9.34 13.47
N TYR C 115 13.06 8.30 12.85
CA TYR C 115 13.28 6.94 13.29
C TYR C 115 14.58 6.34 12.78
N ILE C 116 15.24 6.99 11.82
CA ILE C 116 16.36 6.41 11.11
C ILE C 116 17.57 7.33 11.23
N LYS C 117 18.69 6.77 11.69
CA LYS C 117 19.93 7.51 11.77
C LYS C 117 20.61 7.60 10.40
N SER C 118 20.71 6.47 9.72
CA SER C 118 21.47 6.38 8.47
C SER C 118 21.01 5.14 7.72
N ILE C 119 21.07 5.23 6.39
CA ILE C 119 20.85 4.08 5.51
C ILE C 119 22.09 3.94 4.63
N GLY C 120 22.58 2.71 4.49
CA GLY C 120 23.87 2.47 3.87
C GLY C 120 23.80 2.38 2.36
N GLN C 121 24.88 1.86 1.79
CA GLN C 121 25.05 1.80 0.35
C GLN C 121 24.69 0.42 -0.18
N PHE C 122 24.18 0.41 -1.41
CA PHE C 122 23.81 -0.83 -2.11
C PHE C 122 22.73 -1.60 -1.36
N THR C 123 21.80 -0.88 -0.74
CA THR C 123 20.73 -1.45 0.07
C THR C 123 19.42 -1.35 -0.70
N SER C 124 18.66 -2.44 -0.71
CA SER C 124 17.48 -2.58 -1.54
C SER C 124 16.28 -2.85 -0.63
N ILE C 125 15.34 -1.91 -0.57
CA ILE C 125 14.20 -1.99 0.34
C ILE C 125 12.93 -1.93 -0.50
N ASN C 126 12.12 -3.00 -0.41
CA ASN C 126 10.89 -3.04 -1.17
C ASN C 126 9.97 -1.88 -0.80
N GLY C 127 9.22 -1.38 -1.78
CA GLY C 127 8.43 -0.16 -1.60
C GLY C 127 7.31 -0.27 -0.59
N THR C 128 6.88 -1.50 -0.25
CA THR C 128 5.82 -1.71 0.72
C THR C 128 6.34 -2.01 2.12
N ALA C 129 7.65 -2.05 2.32
CA ALA C 129 8.19 -2.22 3.67
C ALA C 129 7.81 -1.03 4.54
N GLU C 130 7.63 -1.27 5.84
CA GLU C 130 7.16 -0.23 6.74
C GLU C 130 7.99 -0.22 8.02
N ILE C 131 8.14 0.97 8.59
CA ILE C 131 8.88 1.20 9.82
C ILE C 131 8.06 2.13 10.70
N HIS C 132 7.68 1.66 11.89
CA HIS C 132 6.97 2.50 12.84
C HIS C 132 7.41 2.14 14.25
N ALA C 133 7.03 3.01 15.18
CA ALA C 133 7.31 2.83 16.60
C ALA C 133 6.03 2.45 17.34
N ASN C 134 6.21 1.95 18.56
CA ASN C 134 5.07 1.59 19.39
C ASN C 134 4.50 2.81 20.11
N HIS C 135 3.19 2.79 20.33
CA HIS C 135 2.61 3.67 21.33
C HIS C 135 3.06 3.23 22.73
N GLN C 136 2.77 4.08 23.72
CA GLN C 136 3.00 3.68 25.11
C GLN C 136 2.15 2.47 25.44
N LEU C 137 2.71 1.54 26.21
CA LEU C 137 2.04 0.29 26.51
C LEU C 137 1.76 0.06 27.98
N ASN C 138 2.23 0.93 28.87
CA ASN C 138 2.06 0.73 30.30
C ASN C 138 1.31 1.89 30.93
N MSE C 139 0.40 2.49 30.17
CA MSE C 139 -0.46 3.55 30.63
C MSE C 139 -1.89 3.01 30.62
O MSE C 139 -2.12 1.90 30.11
CB MSE C 139 -0.29 4.76 29.72
CG MSE C 139 1.03 5.47 29.93
SE MSE C 139 0.95 7.35 29.42
CE MSE C 139 2.47 7.55 28.34
N THR C 140 -2.84 3.77 31.17
CA THR C 140 -4.23 3.30 31.15
C THR C 140 -4.78 3.29 29.72
N PHE C 141 -4.29 4.19 28.87
CA PHE C 141 -4.72 4.28 27.49
C PHE C 141 -3.56 3.92 26.56
N VAL C 142 -3.93 3.48 25.35
CA VAL C 142 -2.95 3.20 24.30
C VAL C 142 -3.01 4.24 23.18
N SER C 143 -4.07 5.03 23.11
CA SER C 143 -4.23 6.06 22.09
C SER C 143 -3.06 7.05 22.09
N ASP C 144 -2.73 7.54 20.90
CA ASP C 144 -1.85 8.69 20.78
C ASP C 144 -2.62 9.98 20.56
N ASP C 145 -3.70 9.97 19.77
CA ASP C 145 -4.39 11.21 19.43
C ASP C 145 -5.16 11.81 20.60
N ILE C 146 -5.34 11.08 21.70
CA ILE C 146 -5.92 11.66 22.90
C ILE C 146 -5.11 12.88 23.36
N GLN C 147 -3.81 12.91 23.03
CA GLN C 147 -2.97 14.02 23.42
C GLN C 147 -3.35 15.32 22.75
N ASN C 148 -4.17 15.28 21.69
CA ASN C 148 -4.75 16.49 21.13
C ASN C 148 -5.75 17.15 22.07
N PHE C 149 -6.20 16.45 23.11
CA PHE C 149 -7.05 17.05 24.14
C PHE C 149 -6.28 17.51 25.38
N PHE C 150 -5.00 17.16 25.50
CA PHE C 150 -4.23 17.57 26.67
C PHE C 150 -3.88 19.05 26.59
N ASN C 151 -4.15 19.80 27.65
CA ASN C 151 -3.60 21.14 27.71
C ASN C 151 -2.10 21.08 27.96
N GLU C 152 -1.51 22.25 28.13
CA GLU C 152 -0.05 22.35 28.21
C GLU C 152 0.49 21.59 29.42
N GLU C 153 -0.21 21.70 30.56
CA GLU C 153 0.27 21.00 31.74
C GLU C 153 0.12 19.49 31.61
N SER C 154 -1.03 19.01 31.13
CA SER C 154 -1.18 17.57 30.95
C SER C 154 -0.18 17.03 29.93
N MSE C 155 0.05 17.78 28.85
CA MSE C 155 1.00 17.38 27.82
C MSE C 155 2.39 17.24 28.42
O MSE C 155 3.12 16.29 28.14
CB MSE C 155 1.03 18.38 26.67
CG MSE C 155 1.99 18.01 25.56
SE MSE C 155 1.61 16.21 24.86
CE MSE C 155 0.36 16.66 23.49
N ALA C 156 2.77 18.22 29.27
CA ALA C 156 4.06 18.17 29.95
C ALA C 156 4.19 16.89 30.78
N VAL C 157 3.21 16.63 31.65
CA VAL C 157 3.18 15.38 32.41
C VAL C 157 3.33 14.18 31.48
N PHE C 158 2.57 14.18 30.38
CA PHE C 158 2.56 13.07 29.45
C PHE C 158 3.93 12.89 28.80
N GLN C 159 4.54 13.99 28.36
CA GLN C 159 5.84 13.90 27.69
C GLN C 159 6.92 13.45 28.66
N GLU C 160 6.86 13.91 29.92
CA GLU C 160 7.86 13.51 30.90
C GLU C 160 7.91 12.00 31.06
N LYS C 161 6.74 11.36 31.17
CA LYS C 161 6.74 9.92 31.40
C LYS C 161 6.99 9.12 30.13
N LEU C 162 6.69 9.66 28.95
CA LEU C 162 7.12 8.98 27.73
C LEU C 162 8.65 8.92 27.65
N ARG C 163 9.34 9.96 28.13
CA ARG C 163 10.78 9.99 28.00
C ARG C 163 11.47 9.05 28.98
N LYS C 164 10.84 8.76 30.12
CA LYS C 164 11.40 7.83 31.08
C LYS C 164 11.03 6.37 30.78
N ASP C 165 10.02 6.14 29.96
CA ASP C 165 9.57 4.79 29.63
C ASP C 165 10.71 3.98 29.02
N PRO C 166 11.15 2.89 29.65
CA PRO C 166 12.30 2.12 29.13
C PRO C 166 11.98 1.35 27.86
N LYS C 167 10.73 1.28 27.42
CA LYS C 167 10.35 0.58 26.21
C LYS C 167 10.38 1.46 24.97
N HIS C 168 10.72 2.74 25.13
CA HIS C 168 10.91 3.70 24.04
C HIS C 168 9.68 3.87 23.16
N PRO C 169 8.53 4.25 23.71
CA PRO C 169 7.39 4.55 22.84
C PRO C 169 7.70 5.76 21.98
N TYR C 170 7.21 5.72 20.73
CA TYR C 170 7.49 6.75 19.74
C TYR C 170 8.98 6.97 19.53
N ALA C 171 9.79 5.94 19.84
CA ALA C 171 11.25 5.98 19.72
C ALA C 171 11.88 7.06 20.60
N TYR C 172 11.27 7.33 21.75
CA TYR C 172 11.88 8.24 22.72
C TYR C 172 13.06 7.57 23.43
N SER C 173 14.06 8.38 23.76
CA SER C 173 15.19 7.97 24.60
C SER C 173 15.89 6.73 24.03
N LYS C 174 15.99 6.66 22.71
CA LYS C 174 16.78 5.63 22.04
C LYS C 174 17.44 6.24 20.82
N GLU C 175 18.52 5.61 20.37
CA GLU C 175 19.19 6.06 19.16
C GLU C 175 18.34 5.69 17.94
N PRO C 176 18.22 6.59 16.96
CA PRO C 176 17.59 6.21 15.70
C PRO C 176 18.33 5.04 15.06
N MSE C 177 17.59 4.21 14.35
CA MSE C 177 18.18 2.98 13.84
C MSE C 177 19.08 3.26 12.63
O MSE C 177 18.82 4.16 11.83
CB MSE C 177 17.11 1.95 13.48
CG MSE C 177 16.09 2.41 12.46
SE MSE C 177 14.79 1.02 12.01
CE MSE C 177 15.85 -0.03 10.88
N THR C 178 20.14 2.48 12.52
CA THR C 178 21.01 2.50 11.36
C THR C 178 20.72 1.25 10.51
N ILE C 179 20.47 1.46 9.23
CA ILE C 179 20.31 0.36 8.29
C ILE C 179 21.61 0.24 7.50
N GLY C 180 22.19 -0.96 7.50
CA GLY C 180 23.51 -1.15 6.96
C GLY C 180 23.55 -1.13 5.45
N SER C 181 24.73 -1.48 4.93
CA SER C 181 24.96 -1.58 3.50
C SER C 181 24.71 -3.01 3.02
N ASP C 182 24.42 -3.13 1.73
CA ASP C 182 24.12 -4.43 1.10
C ASP C 182 22.99 -5.17 1.84
N VAL C 183 22.02 -4.40 2.32
CA VAL C 183 20.85 -4.94 3.02
C VAL C 183 19.76 -5.23 2.00
N TYR C 184 18.97 -6.27 2.26
CA TYR C 184 17.78 -6.55 1.44
C TYR C 184 16.57 -6.67 2.35
N ILE C 185 15.49 -5.95 2.02
CA ILE C 185 14.26 -5.97 2.79
C ILE C 185 13.08 -6.23 1.85
N GLY C 186 12.28 -7.24 2.17
CA GLY C 186 11.24 -7.73 1.28
C GLY C 186 9.91 -6.99 1.42
N ALA C 187 8.95 -7.43 0.60
CA ALA C 187 7.64 -6.79 0.56
C ALA C 187 6.88 -7.00 1.86
N HIS C 188 6.12 -5.98 2.25
CA HIS C 188 5.28 -5.98 3.46
C HIS C 188 6.08 -6.28 4.73
N ALA C 189 7.40 -6.10 4.69
CA ALA C 189 8.18 -6.25 5.91
C ALA C 189 7.92 -5.09 6.86
N PHE C 190 8.06 -5.36 8.15
CA PHE C 190 7.81 -4.35 9.19
C PHE C 190 8.97 -4.36 10.18
N ILE C 191 9.47 -3.17 10.51
CA ILE C 191 10.57 -3.01 11.47
C ILE C 191 10.12 -2.05 12.56
N ASN C 192 10.19 -2.51 13.81
CA ASN C 192 9.70 -1.74 14.95
C ASN C 192 10.75 -0.73 15.39
N ALA C 193 10.48 0.55 15.19
CA ALA C 193 11.42 1.59 15.58
C ALA C 193 11.53 1.77 17.09
N SER C 194 10.61 1.21 17.88
CA SER C 194 10.76 1.32 19.32
C SER C 194 11.80 0.37 19.87
N THR C 195 12.01 -0.77 19.21
CA THR C 195 12.85 -1.84 19.75
C THR C 195 14.05 -2.17 18.89
N VAL C 196 14.18 -1.56 17.70
CA VAL C 196 15.28 -1.87 16.80
C VAL C 196 16.15 -0.63 16.63
N THR C 197 17.44 -0.78 16.88
CA THR C 197 18.42 0.26 16.60
C THR C 197 19.38 -0.10 15.48
N SER C 198 19.36 -1.35 14.99
CA SER C 198 20.40 -1.79 14.08
C SER C 198 19.88 -2.87 13.13
N ILE C 199 20.05 -2.63 11.83
CA ILE C 199 19.94 -3.65 10.80
C ILE C 199 21.35 -3.80 10.22
N GLY C 200 22.01 -4.91 10.54
CA GLY C 200 23.42 -5.05 10.21
C GLY C 200 23.67 -5.11 8.73
N ASP C 201 24.91 -4.80 8.35
CA ASP C 201 25.35 -4.92 6.96
C ASP C 201 25.06 -6.32 6.43
N GLY C 202 24.62 -6.38 5.17
CA GLY C 202 24.38 -7.66 4.52
C GLY C 202 23.13 -8.40 4.96
N ALA C 203 22.39 -7.88 5.93
CA ALA C 203 21.23 -8.58 6.44
C ALA C 203 20.15 -8.70 5.36
N ILE C 204 19.40 -9.79 5.44
CA ILE C 204 18.27 -10.05 4.57
C ILE C 204 17.04 -10.19 5.43
N ILE C 205 16.00 -9.41 5.12
CA ILE C 205 14.72 -9.46 5.81
C ILE C 205 13.68 -9.91 4.80
N GLY C 206 13.12 -11.11 4.99
CA GLY C 206 12.22 -11.68 4.02
C GLY C 206 10.88 -10.99 3.98
N SER C 207 10.12 -11.30 2.92
CA SER C 207 8.78 -10.77 2.76
C SER C 207 7.90 -11.14 3.95
N GLY C 208 7.06 -10.19 4.36
CA GLY C 208 6.13 -10.40 5.45
C GLY C 208 6.75 -10.47 6.83
N ALA C 209 8.08 -10.36 6.94
CA ALA C 209 8.72 -10.47 8.24
C ALA C 209 8.38 -9.30 9.13
N VAL C 210 8.19 -9.58 10.42
CA VAL C 210 7.93 -8.59 11.45
C VAL C 210 9.17 -8.53 12.33
N VAL C 211 9.99 -7.52 12.15
CA VAL C 211 11.29 -7.43 12.81
C VAL C 211 11.14 -6.64 14.10
N LEU C 212 11.36 -7.31 15.23
CA LEU C 212 11.20 -6.69 16.53
C LEU C 212 12.50 -6.50 17.29
N GLU C 213 13.61 -7.08 16.81
CA GLU C 213 14.89 -6.95 17.47
C GLU C 213 15.96 -6.67 16.43
N ASN C 214 17.15 -6.30 16.90
CA ASN C 214 18.25 -6.01 15.99
C ASN C 214 18.55 -7.23 15.12
N VAL C 215 18.93 -6.98 13.88
CA VAL C 215 19.29 -8.03 12.94
C VAL C 215 20.81 -8.04 12.81
N PRO C 216 21.49 -9.12 13.21
CA PRO C 216 22.96 -9.16 13.11
C PRO C 216 23.40 -9.06 11.66
N PRO C 217 24.64 -8.65 11.41
CA PRO C 217 25.14 -8.58 10.03
C PRO C 217 25.04 -9.93 9.32
N PHE C 218 24.53 -9.89 8.09
CA PHE C 218 24.43 -11.03 7.19
C PHE C 218 23.51 -12.14 7.69
N ALA C 219 22.64 -11.85 8.65
CA ALA C 219 21.62 -12.82 9.04
C ALA C 219 20.42 -12.74 8.09
N VAL C 220 19.72 -13.86 7.95
CA VAL C 220 18.49 -13.94 7.18
C VAL C 220 17.35 -14.17 8.16
N VAL C 221 16.40 -13.22 8.22
CA VAL C 221 15.31 -13.28 9.19
C VAL C 221 13.99 -13.35 8.44
N VAL C 222 13.12 -14.26 8.88
CA VAL C 222 11.81 -14.47 8.29
C VAL C 222 10.82 -14.73 9.42
N GLY C 223 9.54 -14.54 9.13
CA GLY C 223 8.47 -14.99 10.01
C GLY C 223 7.79 -13.84 10.73
N VAL C 224 6.67 -14.19 11.35
CA VAL C 224 5.90 -13.28 12.19
C VAL C 224 5.78 -13.91 13.57
N PRO C 225 6.62 -13.49 14.53
CA PRO C 225 7.69 -12.49 14.39
C PRO C 225 8.94 -13.05 13.73
N ALA C 226 9.79 -12.16 13.25
CA ALA C 226 10.97 -12.57 12.49
C ALA C 226 11.98 -13.26 13.40
N ARG C 227 12.61 -14.31 12.88
CA ARG C 227 13.68 -15.00 13.57
C ARG C 227 14.76 -15.37 12.57
N ILE C 228 15.97 -15.57 13.07
CA ILE C 228 17.10 -15.88 12.20
C ILE C 228 16.93 -17.29 11.66
N LYS C 229 16.79 -17.41 10.34
CA LYS C 229 16.76 -18.73 9.70
C LYS C 229 18.16 -19.25 9.42
N ARG C 230 19.08 -18.37 9.04
CA ARG C 230 20.47 -18.74 8.74
C ARG C 230 21.26 -17.46 8.51
N TYR C 231 22.55 -17.62 8.31
CA TYR C 231 23.42 -16.53 7.91
C TYR C 231 23.84 -16.73 6.45
N ARG C 232 24.11 -15.62 5.76
CA ARG C 232 24.53 -15.70 4.37
C ARG C 232 25.88 -16.38 4.22
N PHE C 233 26.72 -16.28 5.25
CA PHE C 233 28.10 -16.75 5.16
C PHE C 233 28.52 -17.31 6.52
N SER C 234 29.65 -18.00 6.52
CA SER C 234 30.21 -18.52 7.76
C SER C 234 30.60 -17.39 8.68
N LYS C 235 30.80 -17.72 9.95
CA LYS C 235 31.29 -16.71 10.88
C LYS C 235 32.70 -16.27 10.53
N GLU C 236 33.51 -17.07 9.87
CA GLU C 236 34.80 -16.54 9.50
C GLU C 236 34.63 -15.62 8.31
N MSE C 237 33.65 -15.90 7.46
CA MSE C 237 33.50 -15.09 6.25
C MSE C 237 32.96 -13.69 6.56
O MSE C 237 33.38 -12.70 5.94
CB MSE C 237 32.57 -15.79 5.25
CG MSE C 237 32.45 -15.13 3.86
SE MSE C 237 34.05 -14.33 3.13
CE MSE C 237 33.41 -13.80 1.41
N ILE C 238 32.04 -13.59 7.50
CA ILE C 238 31.42 -12.34 7.92
C ILE C 238 32.41 -11.39 8.50
N GLU C 239 33.32 -11.90 9.29
CA GLU C 239 34.36 -11.10 9.91
C GLU C 239 35.23 -10.47 8.90
N THR C 240 35.43 -11.16 7.79
CA THR C 240 36.19 -10.65 6.69
C THR C 240 35.51 -9.53 5.95
N LEU C 241 34.21 -9.65 5.66
CA LEU C 241 33.44 -8.61 4.95
C LEU C 241 33.35 -7.29 5.71
N LEU C 242 33.07 -7.40 6.97
CA LEU C 242 33.05 -6.28 7.92
C LEU C 242 34.42 -5.59 8.03
N ARG C 243 35.51 -6.30 7.75
CA ARG C 243 36.84 -5.68 7.70
C ARG C 243 37.14 -5.08 6.33
N VAL C 244 36.78 -5.77 5.24
CA VAL C 244 37.10 -5.29 3.91
C VAL C 244 36.20 -4.12 3.52
N LYS C 245 34.90 -4.26 3.73
CA LYS C 245 33.91 -3.23 3.40
C LYS C 245 33.99 -2.84 1.93
N TRP C 246 33.63 -3.81 1.07
CA TRP C 246 33.64 -3.54 -0.36
C TRP C 246 32.65 -2.43 -0.73
N TRP C 247 31.61 -2.25 0.08
CA TRP C 247 30.64 -1.20 -0.18
C TRP C 247 31.21 0.20 -0.01
N ASP C 248 32.46 0.31 0.45
CA ASP C 248 33.19 1.58 0.48
C ASP C 248 34.18 1.72 -0.66
N TRP C 249 34.32 0.71 -1.51
CA TRP C 249 35.22 0.78 -2.66
C TRP C 249 34.75 1.86 -3.64
N SER C 250 35.70 2.35 -4.42
CA SER C 250 35.36 3.29 -5.49
C SER C 250 34.81 2.53 -6.69
N ILE C 251 34.18 3.28 -7.60
CA ILE C 251 33.64 2.67 -8.82
C ILE C 251 34.75 1.99 -9.61
N GLU C 252 35.91 2.65 -9.70
CA GLU C 252 37.09 2.02 -10.29
C GLU C 252 37.42 0.72 -9.58
N GLU C 253 37.50 0.76 -8.25
CA GLU C 253 37.87 -0.42 -7.48
C GLU C 253 36.82 -1.53 -7.61
N ILE C 254 35.54 -1.18 -7.73
CA ILE C 254 34.50 -2.20 -7.88
C ILE C 254 34.71 -3.01 -9.15
N ASN C 255 34.94 -2.32 -10.27
CA ASN C 255 35.09 -3.03 -11.54
C ASN C 255 36.37 -3.84 -11.58
N GLU C 256 37.46 -3.30 -11.04
CA GLU C 256 38.73 -4.03 -11.07
C GLU C 256 38.70 -5.29 -10.19
N ASN C 257 37.79 -5.39 -9.23
CA ASN C 257 37.71 -6.54 -8.35
C ASN C 257 36.35 -7.22 -8.42
N VAL C 258 35.69 -7.13 -9.58
CA VAL C 258 34.34 -7.65 -9.71
C VAL C 258 34.30 -9.13 -9.44
N ASP C 259 35.45 -9.80 -9.64
CA ASP C 259 35.56 -11.24 -9.47
C ASP C 259 35.29 -11.60 -8.04
N ALA C 260 36.06 -10.98 -7.14
CA ALA C 260 35.88 -11.24 -5.73
C ALA C 260 34.44 -10.95 -5.30
N LEU C 261 33.76 -10.03 -5.99
CA LEU C 261 32.38 -9.71 -5.61
C LEU C 261 31.40 -10.71 -6.18
N ILE C 262 31.70 -11.26 -7.36
CA ILE C 262 30.83 -12.26 -7.96
C ILE C 262 31.05 -13.62 -7.31
N SER C 263 32.28 -13.92 -6.89
CA SER C 263 32.59 -15.21 -6.30
C SER C 263 32.93 -15.05 -4.82
N PRO C 264 32.04 -15.48 -3.91
CA PRO C 264 32.38 -15.41 -2.48
C PRO C 264 33.57 -16.27 -2.10
N GLU C 265 33.77 -17.40 -2.80
CA GLU C 265 34.90 -18.27 -2.51
C GLU C 265 36.22 -17.56 -2.78
N LEU C 266 36.33 -16.89 -3.92
CA LEU C 266 37.55 -16.14 -4.23
C LEU C 266 37.73 -14.95 -3.30
N PHE C 267 36.63 -14.33 -2.87
CA PHE C 267 36.72 -13.24 -1.89
C PHE C 267 37.39 -13.73 -0.62
N MSE C 268 37.06 -14.93 -0.18
CA MSE C 268 37.60 -15.48 1.03
C MSE C 268 39.08 -15.84 0.93
O MSE C 268 39.86 -15.60 1.86
CB MSE C 268 36.82 -16.73 1.41
CG MSE C 268 37.23 -17.20 2.73
SE MSE C 268 37.32 -15.70 3.92
CE MSE C 268 36.78 -16.81 5.35
N LYS C 269 39.44 -16.49 -0.18
CA LYS C 269 40.84 -16.83 -0.41
C LYS C 269 41.71 -15.59 -0.43
N LYS C 270 41.24 -14.52 -1.08
CA LYS C 270 42.06 -13.33 -1.21
C LYS C 270 42.15 -12.55 0.10
N TYR C 271 41.04 -12.38 0.79
CA TYR C 271 40.96 -11.40 1.88
C TYR C 271 40.87 -12.04 3.25
N GLY C 272 40.64 -13.33 3.32
CA GLY C 272 40.56 -13.98 4.60
C GLY C 272 41.81 -13.97 5.44
N SER C 273 42.75 -14.80 5.02
CA SER C 273 44.09 -14.74 5.57
C SER C 273 45.02 -14.06 4.59
N LEU C 274 44.52 -12.94 4.05
CA LEU C 274 45.23 -12.03 3.15
C LEU C 274 46.29 -12.68 2.27
N1A ACO D . 3.73 -10.05 15.68
C2A ACO D . 4.16 -11.18 16.30
N3A ACO D . 4.66 -11.08 17.52
C4A ACO D . 4.69 -9.96 18.12
C5A ACO D . 4.29 -8.86 17.54
C6A ACO D . 3.78 -8.90 16.31
N6A ACO D . 3.40 -7.82 15.76
N7A ACO D . 4.48 -7.89 18.35
C8A ACO D . 4.98 -8.40 19.41
N9A ACO D . 5.11 -9.69 19.28
C1B ACO D . 5.64 -10.71 20.20
C2B ACO D . 7.06 -10.56 20.64
O2B ACO D . 7.85 -11.29 19.84
C3B ACO D . 7.06 -11.16 22.00
O3B ACO D . 6.93 -12.55 21.94
P3B ACO D . 7.25 -13.43 23.09
O7A ACO D . 6.54 -14.53 22.67
O8A ACO D . 6.70 -12.73 24.20
O9A ACO D . 8.66 -13.54 22.99
C4B ACO D . 5.72 -10.76 22.49
O4B ACO D . 4.94 -10.44 21.35
C5B ACO D . 5.80 -9.62 23.49
O5B ACO D . 6.81 -8.64 23.24
P1A ACO D . 6.83 -7.11 23.73
O1A ACO D . 7.25 -7.64 25.01
O2A ACO D . 7.75 -6.85 22.64
O3A ACO D . 5.36 -7.04 23.29
P2A ACO D . 4.64 -5.73 23.39
O4A ACO D . 5.70 -4.82 23.14
O5A ACO D . 3.97 -5.69 24.64
O6A ACO D . 3.50 -5.65 22.15
CBP ACO D . 2.50 -4.53 19.92
CCP ACO D . 3.63 -4.79 20.98
CDP ACO D . 1.69 -3.36 20.41
CEP ACO D . 1.87 -5.88 20.12
CAP ACO D . 3.66 -4.23 18.81
OAP ACO D . 4.87 -5.08 18.68
C9P ACO D . 3.06 -4.03 17.39
O9P ACO D . 2.62 -4.90 16.69
N8P ACO D . 3.14 -2.87 17.02
C7P ACO D . 2.60 -2.43 15.83
C6P ACO D . 3.47 -1.30 15.41
C5P ACO D . 2.81 -0.66 14.29
O5P ACO D . 2.20 -1.30 13.49
N4P ACO D . 2.94 0.61 14.19
C3P ACO D . 2.28 1.30 13.10
C2P ACO D . 1.45 2.46 13.58
S1P ACO D . -0.23 1.92 13.86
C ACO D . -0.89 3.32 14.46
O ACO D . -0.25 4.35 14.71
CH3 ACO D . -2.38 3.24 14.71
N1A ACO E . -3.90 -17.15 7.52
C2A ACO E . -3.47 -18.27 8.22
N3A ACO E . -4.42 -19.24 8.55
C4A ACO E . -5.70 -19.06 8.19
C5A ACO E . -6.08 -17.97 7.52
C6A ACO E . -5.19 -17.04 7.20
N6A ACO E . -5.66 -15.99 6.53
N7A ACO E . -7.39 -18.06 7.30
C8A ACO E . -7.82 -19.19 7.83
N9A ACO E . -6.79 -19.82 8.38
C1B ACO E . -6.84 -21.12 9.07
C2B ACO E . -7.72 -21.04 10.30
O2B ACO E . -6.94 -20.58 11.43
C3B ACO E . -8.12 -22.49 10.49
O3B ACO E . -7.07 -23.20 11.16
P3B ACO E . -7.42 -24.45 12.07
O7A ACO E . -8.62 -23.95 12.80
O8A ACO E . -6.23 -24.64 12.90
O9A ACO E . -7.71 -25.52 11.10
C4B ACO E . -8.24 -22.99 9.06
O4B ACO E . -7.50 -22.08 8.21
C5B ACO E . -9.70 -22.96 8.64
O5B ACO E . -10.28 -21.70 9.00
P1A ACO E . -11.77 -21.28 8.53
O1A ACO E . -12.27 -22.55 9.14
O2A ACO E . -11.57 -20.02 9.32
O3A ACO E . -11.08 -21.36 7.06
P2A ACO E . -11.88 -20.81 5.76
O4A ACO E . -13.20 -20.34 6.21
O5A ACO E . -11.79 -21.84 4.71
O6A ACO E . -10.99 -19.54 5.34
CBP ACO E . -9.74 -18.36 3.64
CCP ACO E . -9.96 -19.69 4.35
CDP ACO E . -8.31 -18.30 3.10
CEP ACO E . -10.73 -18.22 2.48
CAP ACO E . -9.95 -17.21 4.63
OAP ACO E . -9.52 -17.61 5.94
C9P ACO E . -9.15 -15.99 4.18
O9P ACO E . -8.02 -15.77 4.61
N8P ACO E . -9.77 -15.21 3.28
C7P ACO E . -9.14 -14.00 2.74
C6P ACO E . -9.90 -12.76 3.23
C5P ACO E . -9.37 -11.52 2.50
O5P ACO E . -8.22 -11.48 2.07
N4P ACO E . -10.24 -10.52 2.37
C3P ACO E . -9.90 -9.26 1.70
C2P ACO E . -9.40 -9.55 0.29
S1P ACO E . -10.69 -9.35 -0.99
C ACO E . -9.81 -9.91 -2.39
O ACO E . -9.35 -11.05 -2.50
CH3 ACO E . -9.66 -8.88 -3.52
N1A ACO F . 8.85 -16.11 5.30
C2A ACO F . 8.92 -17.30 6.02
N3A ACO F . 9.88 -18.24 5.63
C4A ACO F . 10.68 -17.99 4.59
C5A ACO F . 10.59 -16.84 3.92
C6A ACO F . 9.69 -15.92 4.27
N6A ACO F . 9.66 -14.81 3.54
N7A ACO F . 11.49 -16.85 2.95
C8A ACO F . 12.16 -18.00 3.02
N9A ACO F . 11.65 -18.70 4.03
C1B ACO F . 12.09 -20.04 4.47
C2B ACO F . 11.66 -21.10 3.48
O2B ACO F . 10.29 -21.45 3.70
C3B ACO F . 12.56 -22.24 3.89
O3B ACO F . 12.05 -22.85 5.08
P3B ACO F . 12.21 -24.39 5.33
O7A ACO F . 12.87 -23.78 6.50
O8A ACO F . 11.11 -25.15 5.92
O9A ACO F . 13.32 -25.12 4.68
C4B ACO F . 13.87 -21.53 4.22
O4B ACO F . 13.52 -20.13 4.45
C5B ACO F . 14.84 -21.68 3.04
O5B ACO F . 14.70 -20.59 2.12
P1A ACO F . 14.62 -20.84 0.53
O1A ACO F . 15.95 -21.50 0.65
O2A ACO F . 13.34 -21.55 0.80
O3A ACO F . 14.59 -19.21 0.51
P2A ACO F . 15.93 -18.39 0.14
O4A ACO F . 16.54 -18.99 1.36
O5A ACO F . 15.90 -19.08 -1.18
O6A ACO F . 14.92 -17.12 0.35
CBP ACO F . 14.62 -14.66 1.03
CCP ACO F . 15.45 -15.78 0.29
CDP ACO F . 15.38 -13.19 0.72
CEP ACO F . 14.61 -15.01 2.50
CAP ACO F . 13.41 -14.98 0.11
OAP ACO F . 12.82 -16.21 0.52
C9P ACO F . 12.39 -13.85 0.20
O9P ACO F . 11.54 -13.85 1.08
N8P ACO F . 12.51 -12.90 -0.73
C7P ACO F . 11.60 -11.73 -0.78
C6P ACO F . 11.59 -11.17 -2.20
C5P ACO F . 10.73 -9.90 -2.23
O5P ACO F . 9.97 -9.63 -1.30
N4P ACO F . 10.88 -9.15 -3.32
C3P ACO F . 10.13 -7.89 -3.51
C2P ACO F . 11.07 -6.81 -4.05
S1P ACO F . 12.45 -6.42 -2.90
C ACO F . 12.77 -4.76 -3.37
O ACO F . 12.01 -4.08 -4.04
CH3 ACO F . 14.11 -4.20 -2.87
#